data_3ZYI
#
_entry.id   3ZYI
#
_cell.length_a   75.420
_cell.length_b   153.390
_cell.length_c   158.730
_cell.angle_alpha   90.00
_cell.angle_beta   90.00
_cell.angle_gamma   90.00
#
_symmetry.space_group_name_H-M   'I 2 2 2'
#
loop_
_entity.id
_entity.type
_entity.pdbx_description
1 polymer 'LEUCINE-RICH REPEAT-CONTAINING PROTEIN 4'
2 polymer NETRIN-G2
3 non-polymer 2-acetamido-2-deoxy-beta-D-glucopyranose
4 non-polymer 'PHOSPHATE ION'
5 non-polymer 'CALCIUM ION'
#
loop_
_entity_poly.entity_id
_entity_poly.type
_entity_poly.pdbx_seq_one_letter_code
_entity_poly.pdbx_strand_id
1 'polypeptide(L)'
;MKLLWQVTVHHHTWNAILLPFVYLTAQVWILCAAIAAAASAGPQNCPSVCSCSNQFSKVVCTRRGLSEVPQGIPSNTRYL
NLMENNIQMIQADTFRHLHHLEVLQLGRNSIRQIEVGAFNGLASLNTLELFDNWLTVIPSGAFEYLSKLRELWLRNNPIE
SIPSYAFNRVPSLMRLDLGELKKLEYISEGAFEGLFNLKYLNLGMCNIKDMPNLTPLVGLEELEMSGNHFPEIRPGSFHG
LSSLKKLWVMNSQVSLIERNAFDGLASLVELNLAHNNLSSLPHDLFTPLRYLVELHLHHNPWNCDCDILWLAWWLREYIP
TNSTCCGRCHAPMHMRGRYLVEVDQASFQCSAPFIMDAPRDLNISEGRMAELKCRTPPMSSVKWLLPNGTVLSHASRHPR
ISVLNDGTLNFSHVLLSDTGVYTCMVTNVAGNSNASAYLNVSTAGTHHHHHH
;
A
2 'polypeptide(L)'
;MLHLLALFLHCLPLASGDYDICKSWVTTDEGPTWEFYACQPKVMRLKDYVKVKVEPSGITCGDPPERFCSHENPYLCSNE
CDASNPDLAHPPRLMFDKEEEGLATYWQSITWSRYPSPLEANITLSWNKTVELTDDVVMTFEYGRPTVMVLEKSLDNGRT
WQPYQFYAEDCMEAFGMSARRARDMSSSSAHRVLCTEEYSRWAGSKKEKHVRFEVRDRFAIFAGPDLRNMDNLYTRLESA
KGLKEFFTLTDLRMRLLRPALGGTYVQRENLYKYFYAISNIEVIGRCKCNLHANLCSMREGSLQCECEHNTTGPDCGKCK
KNFRTRSWRAGSYLPLPHGSPNACAGTHHHHHH
;
B
#
loop_
_chem_comp.id
_chem_comp.type
_chem_comp.name
_chem_comp.formula
CA non-polymer 'CALCIUM ION' 'Ca 2'
NAG D-saccharide, beta linking 2-acetamido-2-deoxy-beta-D-glucopyranose 'C8 H15 N O6'
PO4 non-polymer 'PHOSPHATE ION' 'O4 P -3'
#
# COMPACT_ATOMS: atom_id res chain seq x y z
N GLN A 44 28.28 23.82 19.95
CA GLN A 44 28.00 25.03 20.72
C GLN A 44 26.81 25.82 20.19
N ASN A 45 26.70 25.93 18.84
CA ASN A 45 25.61 26.65 18.18
C ASN A 45 25.01 25.93 16.96
N CYS A 46 23.80 26.35 16.56
CA CYS A 46 23.01 25.81 15.45
C CYS A 46 23.51 26.28 14.07
N PRO A 47 23.66 25.38 13.06
CA PRO A 47 24.07 25.83 11.72
C PRO A 47 22.97 26.64 11.03
N SER A 48 23.36 27.59 10.17
CA SER A 48 22.47 28.49 9.43
C SER A 48 21.45 27.80 8.53
N VAL A 49 21.84 26.68 7.88
CA VAL A 49 20.99 25.88 6.98
C VAL A 49 20.10 24.90 7.78
N CYS A 50 20.26 24.88 9.12
CA CYS A 50 19.52 24.00 10.03
C CYS A 50 18.62 24.77 11.01
N SER A 51 17.79 24.04 11.76
CA SER A 51 16.87 24.56 12.77
C SER A 51 16.97 23.65 14.00
N CYS A 52 17.41 24.21 15.12
CA CYS A 52 17.55 23.45 16.36
C CYS A 52 16.38 23.69 17.29
N SER A 53 16.43 22.99 18.42
CA SER A 53 15.34 22.93 19.38
C SER A 53 15.87 23.29 20.74
N ASN A 54 14.97 23.66 21.65
CA ASN A 54 15.39 24.22 22.92
C ASN A 54 16.27 23.25 23.68
N GLN A 55 15.95 21.97 23.59
CA GLN A 55 16.80 20.95 24.19
C GLN A 55 18.15 21.01 23.53
N PHE A 56 18.15 21.24 22.22
CA PHE A 56 19.37 21.22 21.43
C PHE A 56 19.59 19.79 20.99
N SER A 57 18.70 18.92 21.46
CA SER A 57 18.69 17.51 21.09
C SER A 57 18.39 17.33 19.60
N LYS A 58 17.48 18.14 19.07
CA LYS A 58 17.00 17.95 17.71
C LYS A 58 17.52 19.00 16.74
N VAL A 59 18.07 18.52 15.63
CA VAL A 59 18.59 19.38 14.57
C VAL A 59 17.91 18.98 13.24
N VAL A 60 17.05 19.87 12.71
CA VAL A 60 16.30 19.65 11.48
C VAL A 60 16.91 20.45 10.32
N CYS A 61 17.36 19.75 9.27
CA CYS A 61 17.99 20.37 8.09
C CYS A 61 17.32 19.90 6.77
N THR A 62 15.99 19.69 6.80
CA THR A 62 15.19 19.25 5.65
C THR A 62 14.86 20.36 4.67
N ARG A 63 14.34 19.97 3.48
CA ARG A 63 13.88 20.82 2.38
C ARG A 63 14.85 21.97 2.03
N ARG A 64 16.12 21.60 1.83
CA ARG A 64 17.22 22.50 1.46
C ARG A 64 17.93 21.95 0.22
N GLY A 65 18.70 22.78 -0.48
CA GLY A 65 19.40 22.36 -1.67
C GLY A 65 20.80 21.84 -1.38
N LEU A 66 20.98 21.21 -0.20
CA LEU A 66 22.24 20.69 0.31
C LEU A 66 22.78 19.54 -0.53
N SER A 67 24.03 19.69 -1.00
CA SER A 67 24.74 18.67 -1.78
C SER A 67 25.69 17.93 -0.84
N GLU A 68 25.91 18.50 0.37
CA GLU A 68 26.79 18.00 1.41
C GLU A 68 26.19 18.24 2.79
N VAL A 69 26.64 17.44 3.79
CA VAL A 69 26.22 17.48 5.20
C VAL A 69 26.72 18.79 5.87
N PRO A 70 25.87 19.53 6.63
CA PRO A 70 26.33 20.77 7.29
C PRO A 70 27.56 20.58 8.17
N GLN A 71 28.46 21.57 8.13
CA GLN A 71 29.75 21.57 8.79
C GLN A 71 29.78 21.73 10.32
N GLY A 72 28.90 22.55 10.89
CA GLY A 72 28.90 22.80 12.32
C GLY A 72 27.73 22.27 13.12
N ILE A 73 27.49 20.95 13.06
CA ILE A 73 26.40 20.29 13.80
C ILE A 73 26.78 20.19 15.29
N PRO A 74 25.96 20.73 16.23
CA PRO A 74 26.32 20.67 17.67
C PRO A 74 26.51 19.28 18.23
N SER A 75 27.44 19.13 19.19
CA SER A 75 27.78 17.87 19.85
C SER A 75 26.68 17.33 20.78
N ASN A 76 25.69 18.17 21.13
CA ASN A 76 24.56 17.79 22.01
C ASN A 76 23.50 16.94 21.27
N THR A 77 23.45 17.06 19.93
CA THR A 77 22.51 16.40 19.00
C THR A 77 22.24 14.93 19.30
N ARG A 78 20.94 14.58 19.40
CA ARG A 78 20.44 13.23 19.64
C ARG A 78 19.66 12.75 18.40
N TYR A 79 18.94 13.66 17.73
CA TYR A 79 18.16 13.36 16.53
C TYR A 79 18.50 14.37 15.42
N LEU A 80 19.09 13.88 14.32
CA LEU A 80 19.47 14.72 13.18
C LEU A 80 18.67 14.36 11.94
N ASN A 81 17.98 15.34 11.36
CA ASN A 81 17.18 15.17 10.16
C ASN A 81 17.87 15.83 8.96
N LEU A 82 18.21 15.02 7.94
CA LEU A 82 18.88 15.45 6.71
C LEU A 82 18.17 14.99 5.42
N MET A 83 16.84 14.80 5.50
CA MET A 83 16.01 14.36 4.38
C MET A 83 15.71 15.46 3.37
N GLU A 84 15.18 15.08 2.19
CA GLU A 84 14.79 15.99 1.09
C GLU A 84 15.92 16.94 0.64
N ASN A 85 17.14 16.39 0.49
CA ASN A 85 18.34 17.10 0.04
C ASN A 85 18.98 16.37 -1.14
N ASN A 86 20.08 16.91 -1.68
CA ASN A 86 20.78 16.33 -2.83
C ASN A 86 22.16 15.76 -2.47
N ILE A 87 22.38 15.36 -1.19
CA ILE A 87 23.64 14.79 -0.68
C ILE A 87 23.98 13.52 -1.49
N GLN A 88 25.16 13.49 -2.13
CA GLN A 88 25.58 12.37 -2.98
C GLN A 88 26.58 11.40 -2.34
N MET A 89 27.39 11.86 -1.37
CA MET A 89 28.40 11.02 -0.73
C MET A 89 28.57 11.36 0.75
N ILE A 90 28.69 10.32 1.59
CA ILE A 90 28.96 10.47 3.01
C ILE A 90 30.46 10.19 3.22
N GLN A 91 31.25 11.25 3.40
CA GLN A 91 32.70 11.20 3.61
C GLN A 91 33.05 10.60 4.99
N ALA A 92 34.29 10.11 5.15
CA ALA A 92 34.75 9.53 6.42
C ALA A 92 34.85 10.58 7.53
N ASP A 93 34.45 10.20 8.76
CA ASP A 93 34.46 11.02 9.97
C ASP A 93 33.52 12.25 9.93
N THR A 94 32.45 12.17 9.12
CA THR A 94 31.44 13.22 8.93
C THR A 94 30.73 13.59 10.24
N PHE A 95 30.38 12.58 11.04
CA PHE A 95 29.65 12.74 12.30
C PHE A 95 30.51 12.32 13.50
N ARG A 96 31.84 12.25 13.31
CA ARG A 96 32.85 11.83 14.30
C ARG A 96 32.69 12.36 15.72
N HIS A 97 32.20 13.59 15.88
CA HIS A 97 32.04 14.23 17.19
C HIS A 97 30.59 14.28 17.73
N LEU A 98 29.65 13.56 17.09
CA LEU A 98 28.24 13.52 17.51
C LEU A 98 28.00 12.25 18.34
N HIS A 99 28.67 12.17 19.49
CA HIS A 99 28.66 11.05 20.42
C HIS A 99 27.31 10.76 21.11
N HIS A 100 26.37 11.73 21.07
CA HIS A 100 25.03 11.60 21.68
C HIS A 100 23.93 11.27 20.65
N LEU A 101 24.28 11.23 19.33
CA LEU A 101 23.34 10.97 18.24
C LEU A 101 22.72 9.57 18.30
N GLU A 102 21.38 9.53 18.44
CA GLU A 102 20.57 8.32 18.52
C GLU A 102 19.89 8.01 17.18
N VAL A 103 19.41 9.05 16.47
CA VAL A 103 18.72 8.88 15.17
C VAL A 103 19.36 9.75 14.09
N LEU A 104 19.90 9.10 13.04
CA LEU A 104 20.50 9.78 11.89
C LEU A 104 19.59 9.52 10.68
N GLN A 105 18.87 10.58 10.25
CA GLN A 105 17.93 10.53 9.15
C GLN A 105 18.59 11.00 7.86
N LEU A 106 18.98 10.05 7.00
CA LEU A 106 19.63 10.34 5.71
C LEU A 106 18.74 9.90 4.54
N GLY A 107 17.49 9.57 4.84
CA GLY A 107 16.50 9.14 3.87
C GLY A 107 16.14 10.19 2.84
N ARG A 108 15.68 9.76 1.66
CA ARG A 108 15.26 10.63 0.54
C ARG A 108 16.35 11.66 0.16
N ASN A 109 17.47 11.13 -0.36
CA ASN A 109 18.63 11.88 -0.82
C ASN A 109 19.22 11.20 -2.07
N SER A 110 20.38 11.67 -2.54
CA SER A 110 21.05 11.15 -3.73
C SER A 110 22.33 10.34 -3.40
N ILE A 111 22.42 9.80 -2.16
CA ILE A 111 23.58 9.04 -1.63
C ILE A 111 23.93 7.82 -2.49
N ARG A 112 25.11 7.87 -3.11
CA ARG A 112 25.66 6.86 -4.02
C ARG A 112 26.83 6.11 -3.40
N GLN A 113 27.65 6.80 -2.59
CA GLN A 113 28.83 6.23 -1.97
C GLN A 113 28.90 6.55 -0.48
N ILE A 114 29.25 5.55 0.33
CA ILE A 114 29.44 5.69 1.78
C ILE A 114 30.83 5.13 2.13
N GLU A 115 31.74 6.01 2.56
CA GLU A 115 33.12 5.66 2.93
C GLU A 115 33.20 4.81 4.20
N VAL A 116 34.33 4.08 4.37
CA VAL A 116 34.59 3.17 5.50
C VAL A 116 34.37 3.77 6.91
N GLY A 117 34.88 4.97 7.14
CA GLY A 117 34.77 5.63 8.43
C GLY A 117 33.71 6.71 8.53
N ALA A 118 32.69 6.65 7.65
CA ALA A 118 31.59 7.63 7.59
C ALA A 118 30.78 7.75 8.87
N PHE A 119 30.57 6.61 9.57
CA PHE A 119 29.78 6.57 10.79
C PHE A 119 30.62 6.47 12.08
N ASN A 120 31.88 6.94 12.04
CA ASN A 120 32.78 6.94 13.20
C ASN A 120 32.30 7.89 14.29
N GLY A 121 32.60 7.54 15.54
CA GLY A 121 32.20 8.32 16.72
C GLY A 121 30.73 8.32 17.05
N LEU A 122 29.94 7.45 16.38
CA LEU A 122 28.49 7.33 16.59
C LEU A 122 28.19 6.16 17.53
N ALA A 123 28.69 6.28 18.78
CA ALA A 123 28.56 5.30 19.85
C ALA A 123 27.14 5.14 20.38
N SER A 124 26.30 6.19 20.24
CA SER A 124 24.92 6.21 20.71
C SER A 124 23.88 5.92 19.62
N LEU A 125 24.32 5.77 18.34
CA LEU A 125 23.44 5.53 17.18
C LEU A 125 22.60 4.26 17.30
N ASN A 126 21.27 4.45 17.31
CA ASN A 126 20.28 3.38 17.42
C ASN A 126 19.53 3.15 16.10
N THR A 127 19.26 4.25 15.36
CA THR A 127 18.53 4.22 14.10
C THR A 127 19.32 4.90 12.98
N LEU A 128 19.56 4.16 11.89
CA LEU A 128 20.25 4.65 10.71
C LEU A 128 19.34 4.47 9.51
N GLU A 129 18.73 5.58 9.08
CA GLU A 129 17.77 5.61 7.97
C GLU A 129 18.50 6.05 6.71
N LEU A 130 18.67 5.10 5.78
CA LEU A 130 19.36 5.31 4.51
C LEU A 130 18.46 4.98 3.31
N PHE A 131 17.14 4.94 3.54
CA PHE A 131 16.16 4.63 2.51
C PHE A 131 16.03 5.73 1.45
N ASP A 132 15.52 5.35 0.25
CA ASP A 132 15.31 6.27 -0.88
C ASP A 132 16.59 7.01 -1.32
N ASN A 133 17.68 6.26 -1.51
CA ASN A 133 18.97 6.77 -1.97
C ASN A 133 19.37 6.17 -3.33
N TRP A 134 20.63 6.36 -3.76
CA TRP A 134 21.14 5.86 -5.04
C TRP A 134 22.21 4.76 -4.83
N LEU A 135 22.16 4.08 -3.67
CA LEU A 135 23.10 3.01 -3.31
C LEU A 135 22.86 1.73 -4.12
N THR A 136 23.90 1.28 -4.85
CA THR A 136 23.85 0.05 -5.66
C THR A 136 24.52 -1.13 -4.92
N VAL A 137 25.33 -0.82 -3.88
CA VAL A 137 26.03 -1.81 -3.05
C VAL A 137 25.82 -1.51 -1.57
N ILE A 138 25.68 -2.56 -0.74
CA ILE A 138 25.52 -2.43 0.71
C ILE A 138 26.89 -2.00 1.29
N PRO A 139 26.95 -0.86 2.01
CA PRO A 139 28.25 -0.42 2.56
C PRO A 139 28.62 -1.15 3.86
N SER A 140 29.02 -2.44 3.73
CA SER A 140 29.38 -3.35 4.82
C SER A 140 30.53 -2.84 5.70
N GLY A 141 31.51 -2.17 5.10
CA GLY A 141 32.65 -1.58 5.80
C GLY A 141 32.26 -0.39 6.65
N ALA A 142 31.28 0.42 6.17
CA ALA A 142 30.77 1.61 6.84
C ALA A 142 30.06 1.30 8.17
N PHE A 143 29.47 0.10 8.29
CA PHE A 143 28.77 -0.35 9.50
C PHE A 143 29.79 -1.12 10.35
N GLU A 144 30.82 -0.40 10.83
CA GLU A 144 31.95 -0.96 11.58
C GLU A 144 31.75 -1.03 13.09
N TYR A 145 31.89 0.12 13.80
CA TYR A 145 31.77 0.16 15.26
C TYR A 145 30.49 0.90 15.68
N LEU A 146 29.33 0.26 15.42
CA LEU A 146 28.00 0.78 15.72
C LEU A 146 27.32 -0.19 16.70
N SER A 147 28.02 -0.46 17.82
CA SER A 147 27.64 -1.39 18.89
C SER A 147 26.23 -1.22 19.48
N LYS A 148 25.61 -0.03 19.35
CA LYS A 148 24.27 0.24 19.87
C LYS A 148 23.18 0.34 18.77
N LEU A 149 23.53 0.01 17.50
CA LEU A 149 22.59 0.08 16.37
C LEU A 149 21.56 -1.04 16.42
N ARG A 150 20.28 -0.65 16.40
CA ARG A 150 19.14 -1.56 16.46
C ARG A 150 18.28 -1.52 15.20
N GLU A 151 18.28 -0.37 14.48
CA GLU A 151 17.46 -0.17 13.29
C GLU A 151 18.24 0.33 12.09
N LEU A 152 18.23 -0.46 11.00
CA LEU A 152 18.91 -0.10 9.75
C LEU A 152 17.93 -0.15 8.58
N TRP A 153 17.48 1.03 8.12
CA TRP A 153 16.55 1.13 6.99
C TRP A 153 17.32 1.38 5.69
N LEU A 154 17.32 0.39 4.79
CA LEU A 154 18.00 0.45 3.49
C LEU A 154 17.02 0.27 2.32
N ARG A 155 15.70 0.35 2.61
CA ARG A 155 14.63 0.17 1.63
C ARG A 155 14.65 1.19 0.47
N ASN A 156 13.99 0.86 -0.65
CA ASN A 156 13.89 1.72 -1.84
C ASN A 156 15.27 2.20 -2.31
N ASN A 157 16.14 1.25 -2.67
CA ASN A 157 17.49 1.56 -3.14
C ASN A 157 17.86 0.70 -4.34
N PRO A 158 18.66 1.22 -5.31
CA PRO A 158 19.03 0.40 -6.47
C PRO A 158 20.10 -0.67 -6.16
N ILE A 159 20.06 -1.25 -4.93
CA ILE A 159 20.95 -2.30 -4.44
C ILE A 159 20.79 -3.52 -5.35
N GLU A 160 21.89 -3.89 -6.03
CA GLU A 160 21.92 -4.99 -6.99
C GLU A 160 22.19 -6.35 -6.35
N SER A 161 22.93 -6.40 -5.23
CA SER A 161 23.26 -7.66 -4.56
C SER A 161 23.43 -7.56 -3.06
N ILE A 162 23.04 -8.63 -2.35
CA ILE A 162 23.23 -8.79 -0.91
C ILE A 162 24.34 -9.86 -0.78
N PRO A 163 25.62 -9.46 -0.60
CA PRO A 163 26.70 -10.45 -0.54
C PRO A 163 26.75 -11.24 0.77
N SER A 164 27.61 -12.28 0.81
CA SER A 164 27.84 -13.15 1.96
C SER A 164 28.43 -12.35 3.10
N TYR A 165 27.99 -12.67 4.33
CA TYR A 165 28.42 -12.03 5.58
C TYR A 165 28.22 -10.51 5.65
N ALA A 166 27.26 -9.98 4.87
CA ALA A 166 26.91 -8.57 4.92
C ALA A 166 26.15 -8.41 6.23
N PHE A 167 26.31 -7.26 6.91
CA PHE A 167 25.69 -6.95 8.21
C PHE A 167 26.30 -7.73 9.40
N ASN A 168 27.31 -8.60 9.14
CA ASN A 168 27.98 -9.38 10.19
C ASN A 168 28.79 -8.51 11.15
N ARG A 169 29.20 -7.32 10.68
CA ARG A 169 29.95 -6.34 11.47
C ARG A 169 29.04 -5.57 12.45
N VAL A 170 27.71 -5.76 12.32
CA VAL A 170 26.69 -5.21 13.20
C VAL A 170 25.85 -6.38 13.76
N PRO A 171 26.35 -7.11 14.78
CA PRO A 171 25.56 -8.22 15.35
C PRO A 171 24.49 -7.74 16.34
N SER A 172 24.56 -6.45 16.70
CA SER A 172 23.64 -5.76 17.62
C SER A 172 22.29 -5.47 16.97
N LEU A 173 22.24 -5.39 15.62
CA LEU A 173 21.06 -5.11 14.82
C LEU A 173 19.86 -6.00 15.14
N MET A 174 18.70 -5.37 15.36
CA MET A 174 17.44 -6.03 15.70
C MET A 174 16.37 -5.84 14.62
N ARG A 175 16.43 -4.70 13.89
CA ARG A 175 15.47 -4.36 12.83
C ARG A 175 16.18 -3.96 11.54
N LEU A 176 15.95 -4.73 10.47
CA LEU A 176 16.57 -4.50 9.17
C LEU A 176 15.50 -4.44 8.07
N ASP A 177 15.44 -3.31 7.35
CA ASP A 177 14.48 -3.09 6.25
C ASP A 177 15.21 -3.02 4.92
N LEU A 178 15.08 -4.09 4.13
CA LEU A 178 15.66 -4.20 2.80
C LEU A 178 14.52 -4.35 1.78
N GLY A 179 13.43 -3.63 2.02
CA GLY A 179 12.26 -3.64 1.16
C GLY A 179 12.45 -2.79 -0.08
N GLU A 180 11.55 -2.95 -1.07
CA GLU A 180 11.54 -2.18 -2.31
C GLU A 180 12.90 -2.17 -3.07
N LEU A 181 13.58 -3.33 -3.14
CA LEU A 181 14.85 -3.43 -3.88
C LEU A 181 14.56 -4.03 -5.26
N LYS A 182 14.05 -3.18 -6.17
CA LYS A 182 13.65 -3.54 -7.53
C LYS A 182 14.78 -3.99 -8.45
N LYS A 183 16.02 -3.52 -8.19
CA LYS A 183 17.19 -3.87 -8.99
C LYS A 183 18.02 -5.03 -8.40
N LEU A 184 17.49 -5.69 -7.35
CA LEU A 184 18.13 -6.82 -6.68
C LEU A 184 18.15 -8.06 -7.56
N GLU A 185 19.38 -8.52 -7.90
CA GLU A 185 19.63 -9.66 -8.78
C GLU A 185 20.24 -10.88 -8.07
N TYR A 186 20.88 -10.66 -6.91
CA TYR A 186 21.57 -11.74 -6.21
C TYR A 186 21.53 -11.65 -4.68
N ILE A 187 21.15 -12.76 -4.03
CA ILE A 187 21.19 -12.90 -2.58
C ILE A 187 22.04 -14.14 -2.27
N SER A 188 23.15 -13.95 -1.55
CA SER A 188 24.03 -15.03 -1.13
C SER A 188 23.37 -15.89 -0.04
N GLU A 189 23.80 -17.16 0.08
CA GLU A 189 23.28 -18.09 1.10
C GLU A 189 23.66 -17.62 2.51
N GLY A 190 24.83 -17.00 2.62
CA GLY A 190 25.35 -16.48 3.88
C GLY A 190 25.20 -14.98 4.04
N ALA A 191 24.18 -14.39 3.38
CA ALA A 191 23.92 -12.96 3.40
C ALA A 191 23.46 -12.45 4.75
N PHE A 192 22.63 -13.25 5.43
CA PHE A 192 22.05 -12.92 6.73
C PHE A 192 22.83 -13.52 7.92
N GLU A 193 24.08 -13.96 7.66
CA GLU A 193 24.99 -14.53 8.65
C GLU A 193 25.55 -13.41 9.55
N GLY A 194 25.69 -13.72 10.84
CA GLY A 194 26.20 -12.78 11.83
C GLY A 194 25.13 -11.97 12.55
N LEU A 195 23.87 -12.07 12.09
CA LEU A 195 22.74 -11.33 12.65
C LEU A 195 21.98 -12.17 13.69
N PHE A 196 22.68 -12.49 14.80
CA PHE A 196 22.20 -13.30 15.92
C PHE A 196 21.03 -12.69 16.71
N ASN A 197 20.97 -11.34 16.80
CA ASN A 197 19.94 -10.64 17.56
C ASN A 197 18.81 -10.00 16.72
N LEU A 198 18.78 -10.28 15.40
CA LEU A 198 17.75 -9.73 14.50
C LEU A 198 16.38 -10.32 14.79
N LYS A 199 15.41 -9.44 15.04
CA LYS A 199 14.02 -9.79 15.40
C LYS A 199 13.03 -9.38 14.28
N TYR A 200 13.45 -8.47 13.39
CA TYR A 200 12.61 -8.00 12.30
C TYR A 200 13.37 -7.91 10.99
N LEU A 201 12.81 -8.55 9.95
CA LEU A 201 13.35 -8.51 8.60
C LEU A 201 12.25 -8.18 7.60
N ASN A 202 12.50 -7.18 6.76
CA ASN A 202 11.60 -6.77 5.70
C ASN A 202 12.34 -6.96 4.39
N LEU A 203 11.83 -7.86 3.56
CA LEU A 203 12.41 -8.20 2.26
C LEU A 203 11.29 -8.21 1.20
N GLY A 204 10.26 -7.41 1.45
CA GLY A 204 9.09 -7.26 0.60
C GLY A 204 9.31 -6.34 -0.57
N MET A 205 8.56 -6.57 -1.68
CA MET A 205 8.62 -5.79 -2.95
C MET A 205 10.00 -5.84 -3.63
N CYS A 206 10.71 -6.97 -3.47
CA CYS A 206 12.04 -7.18 -4.05
C CYS A 206 12.01 -8.06 -5.31
N ASN A 207 10.78 -8.50 -5.73
CA ASN A 207 10.54 -9.38 -6.87
C ASN A 207 11.33 -10.71 -6.71
N ILE A 208 11.31 -11.27 -5.49
CA ILE A 208 11.99 -12.52 -5.16
C ILE A 208 11.11 -13.68 -5.66
N LYS A 209 11.72 -14.61 -6.44
CA LYS A 209 11.06 -15.78 -7.03
C LYS A 209 11.25 -17.03 -6.16
N ASP A 210 12.40 -17.14 -5.45
CA ASP A 210 12.73 -18.26 -4.58
C ASP A 210 13.33 -17.78 -3.26
N MET A 211 12.78 -18.27 -2.13
CA MET A 211 13.15 -17.94 -0.75
C MET A 211 14.65 -17.94 -0.42
N PRO A 212 15.17 -16.91 0.27
CA PRO A 212 16.59 -16.91 0.63
C PRO A 212 16.86 -17.71 1.90
N ASN A 213 18.14 -18.00 2.18
CA ASN A 213 18.55 -18.74 3.37
C ASN A 213 18.43 -17.85 4.62
N LEU A 214 17.37 -18.07 5.39
CA LEU A 214 17.10 -17.30 6.61
C LEU A 214 17.40 -18.09 7.90
N THR A 215 18.12 -19.23 7.75
CA THR A 215 18.55 -20.10 8.85
C THR A 215 19.43 -19.38 9.91
N PRO A 216 20.39 -18.47 9.58
CA PRO A 216 21.19 -17.84 10.65
C PRO A 216 20.38 -16.90 11.56
N LEU A 217 19.22 -16.43 11.08
CA LEU A 217 18.33 -15.54 11.83
C LEU A 217 17.51 -16.35 12.86
N VAL A 218 18.23 -17.10 13.70
CA VAL A 218 17.73 -18.00 14.76
C VAL A 218 16.70 -17.39 15.71
N GLY A 219 16.86 -16.11 16.02
CA GLY A 219 15.97 -15.39 16.92
C GLY A 219 15.03 -14.41 16.25
N LEU A 220 14.74 -14.60 14.94
CA LEU A 220 13.83 -13.73 14.20
C LEU A 220 12.40 -13.96 14.62
N GLU A 221 11.69 -12.87 14.92
CA GLU A 221 10.31 -12.92 15.38
C GLU A 221 9.30 -12.39 14.35
N GLU A 222 9.76 -11.48 13.46
CA GLU A 222 8.89 -10.85 12.45
C GLU A 222 9.52 -10.89 11.06
N LEU A 223 8.78 -11.42 10.08
CA LEU A 223 9.24 -11.52 8.70
C LEU A 223 8.21 -10.97 7.73
N GLU A 224 8.63 -10.01 6.91
CA GLU A 224 7.81 -9.36 5.89
C GLU A 224 8.32 -9.73 4.49
N MET A 225 7.58 -10.63 3.81
CA MET A 225 7.90 -11.15 2.47
C MET A 225 6.83 -10.76 1.43
N SER A 226 5.94 -9.81 1.77
CA SER A 226 4.85 -9.36 0.90
C SER A 226 5.32 -8.57 -0.32
N GLY A 227 4.71 -8.86 -1.47
CA GLY A 227 5.02 -8.18 -2.72
C GLY A 227 6.08 -8.83 -3.59
N ASN A 228 6.32 -10.13 -3.36
CA ASN A 228 7.29 -10.92 -4.11
C ASN A 228 6.52 -11.93 -4.97
N HIS A 229 7.17 -13.03 -5.40
CA HIS A 229 6.48 -14.03 -6.23
C HIS A 229 6.75 -15.45 -5.75
N PHE A 230 5.79 -16.02 -5.00
CA PHE A 230 5.88 -17.38 -4.46
C PHE A 230 4.59 -18.15 -4.76
N PRO A 231 4.40 -18.73 -5.98
CA PRO A 231 3.16 -19.48 -6.26
C PRO A 231 2.89 -20.65 -5.31
N GLU A 232 3.97 -21.27 -4.81
CA GLU A 232 3.90 -22.39 -3.86
C GLU A 232 4.69 -22.10 -2.60
N ILE A 233 4.09 -22.36 -1.43
CA ILE A 233 4.75 -22.21 -0.12
C ILE A 233 5.11 -23.62 0.37
N ARG A 234 6.42 -23.90 0.44
CA ARG A 234 6.99 -25.20 0.81
C ARG A 234 7.42 -25.24 2.30
N PRO A 235 7.51 -26.41 2.97
CA PRO A 235 7.98 -26.42 4.37
C PRO A 235 9.46 -26.00 4.51
N GLY A 236 10.23 -26.20 3.43
CA GLY A 236 11.64 -25.82 3.38
C GLY A 236 11.88 -24.33 3.26
N SER A 237 10.85 -23.57 2.78
CA SER A 237 10.87 -22.11 2.57
C SER A 237 11.17 -21.33 3.84
N PHE A 238 10.67 -21.80 5.00
CA PHE A 238 10.83 -21.17 6.29
C PHE A 238 11.50 -22.11 7.30
N HIS A 239 12.51 -22.87 6.83
CA HIS A 239 13.26 -23.80 7.66
C HIS A 239 14.21 -23.06 8.60
N GLY A 240 14.22 -23.48 9.87
CA GLY A 240 15.06 -22.91 10.92
C GLY A 240 14.54 -21.66 11.57
N LEU A 241 13.23 -21.33 11.36
CA LEU A 241 12.58 -20.15 11.92
C LEU A 241 11.65 -20.51 13.09
N SER A 242 12.24 -21.17 14.10
CA SER A 242 11.59 -21.66 15.31
C SER A 242 11.00 -20.55 16.18
N SER A 243 11.66 -19.37 16.22
CA SER A 243 11.25 -18.23 17.04
C SER A 243 10.28 -17.26 16.36
N LEU A 244 9.92 -17.52 15.09
CA LEU A 244 9.03 -16.68 14.30
C LEU A 244 7.63 -16.57 14.88
N LYS A 245 7.19 -15.33 15.10
CA LYS A 245 5.87 -15.02 15.67
C LYS A 245 4.94 -14.37 14.66
N LYS A 246 5.48 -13.61 13.69
CA LYS A 246 4.71 -12.87 12.69
C LYS A 246 5.24 -13.13 11.28
N LEU A 247 4.36 -13.61 10.39
CA LEU A 247 4.70 -13.93 9.00
C LEU A 247 3.73 -13.27 8.04
N TRP A 248 4.25 -12.36 7.21
CA TRP A 248 3.48 -11.64 6.19
C TRP A 248 3.92 -11.98 4.77
N VAL A 249 3.03 -12.68 4.03
CA VAL A 249 3.27 -13.11 2.64
C VAL A 249 2.11 -12.66 1.72
N MET A 250 1.70 -11.40 1.86
CA MET A 250 0.65 -10.74 1.08
C MET A 250 1.13 -10.49 -0.36
N ASN A 251 0.19 -10.20 -1.28
CA ASN A 251 0.43 -9.89 -2.69
C ASN A 251 1.64 -10.61 -3.32
N SER A 252 1.75 -11.93 -3.09
CA SER A 252 2.87 -12.74 -3.58
C SER A 252 2.48 -13.80 -4.62
N GLN A 253 1.22 -13.73 -5.12
CA GLN A 253 0.64 -14.65 -6.11
C GLN A 253 0.70 -16.13 -5.66
N VAL A 254 0.42 -16.37 -4.35
CA VAL A 254 0.42 -17.70 -3.75
C VAL A 254 -0.84 -18.42 -4.20
N SER A 255 -0.68 -19.53 -4.93
CA SER A 255 -1.78 -20.34 -5.48
C SER A 255 -1.95 -21.66 -4.76
N LEU A 256 -0.93 -22.10 -4.00
CA LEU A 256 -0.94 -23.35 -3.24
C LEU A 256 0.02 -23.33 -2.06
N ILE A 257 -0.43 -23.84 -0.91
CA ILE A 257 0.38 -24.01 0.29
C ILE A 257 0.52 -25.51 0.44
N GLU A 258 1.77 -26.01 0.37
CA GLU A 258 2.08 -27.43 0.45
C GLU A 258 1.76 -28.02 1.82
N ARG A 259 1.59 -29.36 1.89
CA ARG A 259 1.28 -30.09 3.13
C ARG A 259 2.36 -29.84 4.18
N ASN A 260 1.93 -29.50 5.41
CA ASN A 260 2.78 -29.26 6.59
C ASN A 260 3.81 -28.13 6.41
N ALA A 261 3.48 -27.11 5.59
CA ALA A 261 4.36 -25.99 5.28
C ALA A 261 4.79 -25.18 6.49
N PHE A 262 3.86 -24.82 7.36
CA PHE A 262 4.11 -24.01 8.55
C PHE A 262 4.37 -24.85 9.83
N ASP A 263 4.49 -26.18 9.71
CA ASP A 263 4.70 -27.09 10.83
C ASP A 263 5.89 -26.79 11.76
N GLY A 264 6.99 -26.30 11.18
CA GLY A 264 8.19 -25.92 11.92
C GLY A 264 8.08 -24.61 12.67
N LEU A 265 7.11 -23.76 12.28
CA LEU A 265 6.89 -22.45 12.88
C LEU A 265 6.04 -22.55 14.16
N ALA A 266 6.57 -23.27 15.17
CA ALA A 266 5.93 -23.53 16.47
C ALA A 266 5.46 -22.30 17.25
N SER A 267 6.27 -21.21 17.25
CA SER A 267 5.99 -19.98 17.96
C SER A 267 5.02 -19.00 17.26
N LEU A 268 4.62 -19.30 15.99
CA LEU A 268 3.74 -18.44 15.18
C LEU A 268 2.48 -17.95 15.87
N VAL A 269 2.31 -16.62 15.91
CA VAL A 269 1.20 -15.91 16.54
C VAL A 269 0.34 -15.27 15.45
N GLU A 270 0.99 -14.66 14.45
CA GLU A 270 0.33 -13.96 13.34
C GLU A 270 0.75 -14.52 12.00
N LEU A 271 -0.23 -14.74 11.12
CA LEU A 271 -0.02 -15.22 9.76
C LEU A 271 -0.89 -14.42 8.79
N ASN A 272 -0.23 -13.75 7.84
CA ASN A 272 -0.92 -12.95 6.82
C ASN A 272 -0.65 -13.55 5.45
N LEU A 273 -1.69 -14.14 4.86
CA LEU A 273 -1.66 -14.75 3.54
C LEU A 273 -2.71 -14.09 2.62
N ALA A 274 -3.21 -12.89 3.02
CA ALA A 274 -4.21 -12.13 2.28
C ALA A 274 -3.68 -11.65 0.92
N HIS A 275 -4.60 -11.31 -0.02
CA HIS A 275 -4.30 -10.86 -1.38
C HIS A 275 -3.43 -11.86 -2.17
N ASN A 276 -3.92 -13.12 -2.28
CA ASN A 276 -3.24 -14.18 -3.04
C ASN A 276 -4.27 -14.99 -3.85
N ASN A 277 -3.83 -16.08 -4.51
CA ASN A 277 -4.71 -16.94 -5.32
C ASN A 277 -5.06 -18.27 -4.59
N LEU A 278 -5.16 -18.24 -3.25
CA LEU A 278 -5.50 -19.43 -2.45
C LEU A 278 -6.99 -19.78 -2.50
N SER A 279 -7.31 -21.04 -2.83
CA SER A 279 -8.67 -21.59 -2.94
C SER A 279 -8.96 -22.55 -1.78
N SER A 280 -7.90 -23.11 -1.17
CA SER A 280 -7.96 -24.03 -0.04
C SER A 280 -6.63 -24.12 0.70
N LEU A 281 -6.65 -24.63 1.93
CA LEU A 281 -5.48 -24.83 2.78
C LEU A 281 -5.44 -26.29 3.21
N PRO A 282 -4.24 -26.94 3.29
CA PRO A 282 -4.19 -28.37 3.67
C PRO A 282 -4.77 -28.66 5.05
N HIS A 283 -5.36 -29.86 5.22
CA HIS A 283 -5.97 -30.32 6.47
C HIS A 283 -4.94 -30.33 7.59
N ASP A 284 -5.32 -29.73 8.75
CA ASP A 284 -4.50 -29.61 9.97
C ASP A 284 -3.22 -28.78 9.76
N LEU A 285 -3.31 -27.71 8.95
CA LEU A 285 -2.20 -26.80 8.67
C LEU A 285 -1.89 -25.96 9.92
N PHE A 286 -2.94 -25.57 10.66
CA PHE A 286 -2.82 -24.72 11.84
C PHE A 286 -2.84 -25.48 13.17
N THR A 287 -3.07 -26.81 13.11
CA THR A 287 -3.11 -27.70 14.27
C THR A 287 -1.82 -27.68 15.12
N PRO A 288 -0.59 -27.81 14.54
CA PRO A 288 0.61 -27.74 15.40
C PRO A 288 0.99 -26.32 15.82
N LEU A 289 0.23 -25.31 15.35
CA LEU A 289 0.43 -23.90 15.68
C LEU A 289 -0.45 -23.56 16.88
N ARG A 290 0.05 -23.92 18.08
CA ARG A 290 -0.61 -23.75 19.36
C ARG A 290 -0.83 -22.30 19.76
N TYR A 291 0.03 -21.38 19.28
CA TYR A 291 -0.03 -19.96 19.62
C TYR A 291 -0.61 -19.05 18.52
N LEU A 292 -1.12 -19.63 17.41
CA LEU A 292 -1.73 -18.88 16.30
C LEU A 292 -3.08 -18.31 16.71
N VAL A 293 -3.15 -16.97 16.81
CA VAL A 293 -4.36 -16.26 17.23
C VAL A 293 -4.81 -15.16 16.25
N GLU A 294 -3.88 -14.61 15.44
CA GLU A 294 -4.19 -13.56 14.47
C GLU A 294 -3.97 -14.07 13.05
N LEU A 295 -5.03 -14.02 12.22
CA LEU A 295 -5.00 -14.49 10.84
C LEU A 295 -5.57 -13.49 9.86
N HIS A 296 -4.94 -13.38 8.68
CA HIS A 296 -5.39 -12.52 7.59
C HIS A 296 -5.49 -13.46 6.38
N LEU A 297 -6.72 -13.86 6.03
CA LEU A 297 -6.96 -14.80 4.93
C LEU A 297 -7.82 -14.21 3.80
N HIS A 298 -8.26 -12.94 3.93
CA HIS A 298 -9.11 -12.23 2.96
C HIS A 298 -8.46 -12.04 1.57
N HIS A 299 -9.26 -11.58 0.58
CA HIS A 299 -8.83 -11.34 -0.81
C HIS A 299 -8.17 -12.57 -1.46
N ASN A 300 -8.74 -13.77 -1.18
CA ASN A 300 -8.33 -15.06 -1.70
C ASN A 300 -9.56 -15.75 -2.31
N PRO A 301 -9.47 -16.35 -3.52
CA PRO A 301 -10.67 -16.97 -4.12
C PRO A 301 -11.02 -18.35 -3.55
N TRP A 302 -11.42 -18.36 -2.25
CA TRP A 302 -11.74 -19.56 -1.48
C TRP A 302 -12.82 -20.47 -2.07
N ASN A 303 -12.47 -21.75 -2.25
CA ASN A 303 -13.38 -22.78 -2.73
C ASN A 303 -14.00 -23.42 -1.49
N CYS A 304 -15.26 -23.02 -1.21
CA CYS A 304 -16.00 -23.47 -0.04
C CYS A 304 -16.70 -24.82 -0.14
N ASP A 305 -15.90 -25.88 -0.28
CA ASP A 305 -16.35 -27.28 -0.34
C ASP A 305 -15.96 -27.99 0.98
N CYS A 306 -15.94 -29.33 0.99
CA CYS A 306 -15.59 -30.12 2.17
C CYS A 306 -14.18 -29.84 2.70
N ASP A 307 -13.28 -29.35 1.81
CA ASP A 307 -11.88 -29.04 2.11
C ASP A 307 -11.66 -27.81 2.99
N ILE A 308 -12.61 -26.84 3.04
CA ILE A 308 -12.49 -25.65 3.90
C ILE A 308 -13.12 -25.85 5.27
N LEU A 309 -13.92 -26.92 5.45
CA LEU A 309 -14.63 -27.24 6.68
C LEU A 309 -13.77 -27.26 7.93
N TRP A 310 -12.51 -27.76 7.82
CA TRP A 310 -11.58 -27.79 8.94
C TRP A 310 -11.20 -26.35 9.36
N LEU A 311 -11.01 -25.46 8.37
CA LEU A 311 -10.64 -24.06 8.53
C LEU A 311 -11.80 -23.29 9.14
N ALA A 312 -13.03 -23.50 8.61
CA ALA A 312 -14.27 -22.87 9.08
C ALA A 312 -14.50 -23.19 10.56
N TRP A 313 -14.18 -24.43 10.99
CA TRP A 313 -14.29 -24.87 12.38
C TRP A 313 -13.19 -24.20 13.21
N TRP A 314 -11.92 -24.25 12.72
CA TRP A 314 -10.74 -23.68 13.38
C TRP A 314 -10.94 -22.20 13.73
N LEU A 315 -11.47 -21.40 12.79
CA LEU A 315 -11.72 -19.96 12.97
C LEU A 315 -12.88 -19.65 13.91
N ARG A 316 -13.88 -20.54 13.98
CA ARG A 316 -15.02 -20.39 14.88
C ARG A 316 -14.60 -20.71 16.33
N GLU A 317 -13.64 -21.64 16.51
CA GLU A 317 -13.11 -22.08 17.81
C GLU A 317 -11.84 -21.35 18.30
N TYR A 318 -11.14 -20.61 17.41
CA TYR A 318 -9.90 -19.91 17.79
C TYR A 318 -9.84 -18.41 17.41
N ILE A 319 -10.86 -17.90 16.68
CA ILE A 319 -10.93 -16.49 16.24
C ILE A 319 -12.36 -15.91 16.28
N SER A 323 -13.61 -12.02 12.33
CA SER A 323 -14.87 -11.77 11.64
C SER A 323 -14.65 -11.15 10.25
N THR A 324 -13.77 -10.12 10.18
CA THR A 324 -13.40 -9.42 8.94
C THR A 324 -11.97 -9.82 8.53
N CYS A 325 -11.43 -10.84 9.21
CA CYS A 325 -10.08 -11.35 9.06
C CYS A 325 -9.86 -12.31 7.89
N CYS A 326 -10.89 -13.08 7.49
CA CYS A 326 -10.72 -14.13 6.51
C CYS A 326 -11.39 -14.07 5.13
N GLY A 327 -12.24 -13.08 4.91
CA GLY A 327 -12.90 -12.91 3.62
C GLY A 327 -14.05 -13.84 3.33
N ARG A 328 -14.37 -13.99 2.02
CA ARG A 328 -15.53 -14.75 1.55
C ARG A 328 -15.23 -15.89 0.55
N CYS A 329 -16.22 -16.79 0.38
CA CYS A 329 -16.20 -17.90 -0.58
C CYS A 329 -16.38 -17.32 -1.97
N HIS A 330 -15.56 -17.72 -2.93
CA HIS A 330 -15.69 -17.26 -4.32
C HIS A 330 -16.31 -18.37 -5.16
N ALA A 331 -16.27 -19.61 -4.63
CA ALA A 331 -16.82 -20.83 -5.21
C ALA A 331 -17.15 -21.84 -4.09
N PRO A 332 -18.14 -22.75 -4.26
CA PRO A 332 -19.06 -22.92 -5.39
C PRO A 332 -20.15 -21.83 -5.37
N MET A 333 -20.91 -21.68 -6.48
CA MET A 333 -21.98 -20.68 -6.64
C MET A 333 -23.00 -20.60 -5.49
N HIS A 334 -23.29 -21.73 -4.82
CA HIS A 334 -24.23 -21.78 -3.70
C HIS A 334 -23.62 -21.14 -2.43
N MET A 335 -22.27 -21.11 -2.36
CA MET A 335 -21.51 -20.59 -1.22
C MET A 335 -20.92 -19.20 -1.46
N ARG A 336 -20.89 -18.74 -2.74
CA ARG A 336 -20.33 -17.45 -3.15
C ARG A 336 -20.95 -16.26 -2.40
N GLY A 337 -20.10 -15.46 -1.77
CA GLY A 337 -20.49 -14.29 -0.99
C GLY A 337 -20.51 -14.52 0.52
N ARG A 338 -20.55 -15.79 0.95
CA ARG A 338 -20.57 -16.12 2.37
C ARG A 338 -19.19 -16.03 2.97
N TYR A 339 -19.09 -15.53 4.20
CA TYR A 339 -17.83 -15.43 4.91
C TYR A 339 -17.42 -16.83 5.36
N LEU A 340 -16.14 -17.20 5.24
CA LEU A 340 -15.72 -18.54 5.64
C LEU A 340 -15.88 -18.84 7.14
N VAL A 341 -15.95 -17.77 7.97
CA VAL A 341 -16.20 -17.87 9.40
C VAL A 341 -17.68 -18.23 9.66
N GLU A 342 -18.58 -17.94 8.70
CA GLU A 342 -20.01 -18.23 8.81
C GLU A 342 -20.43 -19.52 8.06
N VAL A 343 -19.46 -20.20 7.41
CA VAL A 343 -19.68 -21.46 6.68
C VAL A 343 -20.02 -22.57 7.68
N ASP A 344 -21.22 -23.14 7.56
CA ASP A 344 -21.71 -24.17 8.46
C ASP A 344 -21.64 -25.59 7.89
N GLN A 345 -20.92 -26.47 8.61
CA GLN A 345 -20.72 -27.89 8.27
C GLN A 345 -21.99 -28.74 8.44
N ALA A 346 -22.99 -28.21 9.16
CA ALA A 346 -24.28 -28.84 9.44
C ALA A 346 -25.05 -29.22 8.17
N SER A 347 -24.88 -28.43 7.08
CA SER A 347 -25.52 -28.68 5.79
C SER A 347 -24.55 -29.26 4.72
N PHE A 348 -23.47 -29.93 5.17
CA PHE A 348 -22.46 -30.54 4.30
C PHE A 348 -22.45 -32.07 4.37
N GLN A 349 -22.38 -32.74 3.20
CA GLN A 349 -22.23 -34.20 3.07
C GLN A 349 -20.82 -34.41 2.51
N CYS A 350 -19.95 -35.07 3.28
CA CYS A 350 -18.55 -35.28 2.90
C CYS A 350 -18.11 -36.72 2.79
N SER A 351 -17.01 -36.93 2.04
CA SER A 351 -16.35 -38.21 1.84
C SER A 351 -15.15 -38.25 2.76
N ALA A 352 -14.84 -39.44 3.31
CA ALA A 352 -13.66 -39.65 4.16
C ALA A 352 -12.43 -39.73 3.21
N PRO A 353 -11.16 -39.73 3.67
CA PRO A 353 -10.04 -39.75 2.71
C PRO A 353 -10.01 -40.97 1.81
N PHE A 354 -10.01 -40.75 0.49
CA PHE A 354 -9.96 -41.83 -0.48
C PHE A 354 -8.53 -42.15 -0.87
N ILE A 355 -8.02 -43.30 -0.39
CA ILE A 355 -6.68 -43.75 -0.78
C ILE A 355 -6.89 -44.49 -2.10
N MET A 356 -6.91 -43.72 -3.21
CA MET A 356 -7.09 -44.20 -4.57
C MET A 356 -6.11 -45.32 -4.93
N ASP A 357 -4.83 -45.13 -4.58
CA ASP A 357 -3.79 -46.11 -4.80
C ASP A 357 -3.06 -46.39 -3.49
N ALA A 358 -3.34 -47.54 -2.88
CA ALA A 358 -2.74 -47.96 -1.63
C ALA A 358 -1.28 -48.39 -1.88
N PRO A 359 -0.35 -48.21 -0.91
CA PRO A 359 1.06 -48.61 -1.15
C PRO A 359 1.24 -50.09 -1.48
N ARG A 360 2.04 -50.37 -2.53
CA ARG A 360 2.32 -51.71 -3.00
C ARG A 360 3.59 -52.29 -2.40
N ASP A 361 3.57 -53.62 -2.10
CA ASP A 361 4.69 -54.37 -1.54
C ASP A 361 5.88 -54.33 -2.49
N LEU A 362 7.08 -54.07 -1.96
CA LEU A 362 8.28 -53.95 -2.78
C LEU A 362 9.42 -54.86 -2.38
N ASN A 363 10.02 -55.50 -3.38
CA ASN A 363 11.20 -56.34 -3.25
C ASN A 363 12.31 -55.60 -3.98
N ILE A 364 13.24 -55.04 -3.22
CA ILE A 364 14.32 -54.21 -3.77
C ILE A 364 15.69 -54.51 -3.13
N SER A 365 16.77 -54.36 -3.92
CA SER A 365 18.14 -54.57 -3.46
C SER A 365 18.68 -53.33 -2.76
N GLU A 366 19.57 -53.51 -1.77
CA GLU A 366 20.22 -52.44 -1.00
C GLU A 366 20.93 -51.46 -1.93
N GLY A 367 20.76 -50.16 -1.65
CA GLY A 367 21.36 -49.08 -2.44
C GLY A 367 20.49 -48.52 -3.55
N ARG A 368 19.37 -49.19 -3.86
CA ARG A 368 18.43 -48.75 -4.90
C ARG A 368 17.41 -47.76 -4.35
N MET A 369 16.80 -46.95 -5.25
CA MET A 369 15.75 -45.99 -4.90
C MET A 369 14.39 -46.72 -4.92
N ALA A 370 13.61 -46.55 -3.84
CA ALA A 370 12.29 -47.19 -3.69
C ALA A 370 11.19 -46.17 -3.36
N GLU A 371 9.97 -46.41 -3.89
CA GLU A 371 8.81 -45.54 -3.68
C GLU A 371 7.57 -46.31 -3.24
N LEU A 372 6.87 -45.76 -2.23
CA LEU A 372 5.61 -46.31 -1.73
C LEU A 372 4.56 -45.23 -2.00
N LYS A 373 3.78 -45.43 -3.07
CA LYS A 373 2.75 -44.49 -3.53
C LYS A 373 1.52 -44.47 -2.62
N CYS A 374 0.87 -43.31 -2.50
CA CYS A 374 -0.35 -43.12 -1.70
C CYS A 374 -1.20 -42.00 -2.31
N ARG A 375 -1.80 -42.26 -3.50
CA ARG A 375 -2.66 -41.32 -4.23
C ARG A 375 -3.92 -41.08 -3.40
N THR A 376 -4.00 -39.86 -2.85
CA THR A 376 -5.06 -39.40 -1.94
C THR A 376 -5.54 -38.01 -2.43
N PRO A 377 -6.77 -37.51 -2.08
CA PRO A 377 -7.15 -36.15 -2.49
C PRO A 377 -6.07 -35.15 -2.10
N PRO A 378 -5.68 -34.20 -2.99
CA PRO A 378 -4.57 -33.28 -2.67
C PRO A 378 -4.63 -32.50 -1.36
N MET A 379 -5.84 -32.16 -0.88
CA MET A 379 -6.00 -31.34 0.34
C MET A 379 -5.94 -32.11 1.66
N SER A 380 -6.03 -33.45 1.61
CA SER A 380 -6.00 -34.33 2.80
C SER A 380 -4.67 -34.29 3.55
N SER A 381 -4.68 -34.67 4.84
CA SER A 381 -3.49 -34.74 5.68
C SER A 381 -2.86 -36.11 5.53
N VAL A 382 -1.55 -36.18 5.22
CA VAL A 382 -0.82 -37.43 5.01
C VAL A 382 0.41 -37.55 5.91
N LYS A 383 0.48 -38.66 6.67
CA LYS A 383 1.59 -39.00 7.55
C LYS A 383 1.98 -40.47 7.34
N TRP A 384 3.26 -40.81 7.54
CA TRP A 384 3.75 -42.18 7.36
C TRP A 384 4.30 -42.77 8.65
N LEU A 385 3.81 -43.96 9.02
CA LEU A 385 4.26 -44.70 10.20
C LEU A 385 5.29 -45.73 9.76
N LEU A 386 6.55 -45.50 10.14
CA LEU A 386 7.67 -46.38 9.80
C LEU A 386 7.70 -47.59 10.77
N PRO A 387 8.38 -48.73 10.42
CA PRO A 387 8.39 -49.90 11.33
C PRO A 387 8.93 -49.64 12.74
N ASN A 388 9.93 -48.73 12.87
CA ASN A 388 10.53 -48.36 14.16
C ASN A 388 9.57 -47.66 15.13
N GLY A 389 8.51 -47.06 14.58
CA GLY A 389 7.49 -46.35 15.35
C GLY A 389 7.43 -44.86 15.11
N THR A 390 8.44 -44.31 14.41
CA THR A 390 8.51 -42.87 14.11
C THR A 390 7.58 -42.46 12.99
N VAL A 391 6.98 -41.26 13.13
CA VAL A 391 6.05 -40.69 12.16
C VAL A 391 6.73 -39.61 11.32
N LEU A 392 6.56 -39.67 9.98
CA LEU A 392 7.11 -38.70 9.04
C LEU A 392 6.00 -37.96 8.31
N SER A 393 6.23 -36.67 8.02
CA SER A 393 5.33 -35.79 7.27
C SER A 393 6.12 -35.15 6.12
N HIS A 394 5.47 -34.30 5.31
CA HIS A 394 6.12 -33.60 4.20
C HIS A 394 7.16 -32.58 4.73
N ALA A 395 7.02 -32.17 6.00
CA ALA A 395 7.91 -31.21 6.68
C ALA A 395 9.20 -31.84 7.19
N SER A 396 9.15 -33.14 7.58
CA SER A 396 10.25 -33.94 8.13
C SER A 396 11.55 -33.80 7.35
N ARG A 397 12.68 -33.75 8.07
CA ARG A 397 14.01 -33.57 7.49
C ARG A 397 14.89 -34.83 7.62
N HIS A 398 14.30 -36.02 7.34
CA HIS A 398 15.02 -37.30 7.41
C HIS A 398 16.06 -37.37 6.27
N PRO A 399 17.32 -37.77 6.57
CA PRO A 399 18.37 -37.77 5.54
C PRO A 399 18.18 -38.66 4.32
N ARG A 400 17.32 -39.70 4.41
CA ARG A 400 17.06 -40.63 3.30
C ARG A 400 15.58 -40.68 2.90
N ILE A 401 14.69 -40.90 3.89
CA ILE A 401 13.25 -41.05 3.68
C ILE A 401 12.50 -39.71 3.67
N SER A 402 11.87 -39.36 2.53
CA SER A 402 11.11 -38.12 2.39
C SER A 402 9.68 -38.33 1.90
N VAL A 403 8.71 -37.64 2.54
CA VAL A 403 7.29 -37.67 2.16
C VAL A 403 7.09 -36.56 1.13
N LEU A 404 6.69 -36.91 -0.10
CA LEU A 404 6.46 -35.93 -1.16
C LEU A 404 5.08 -35.29 -1.00
N ASN A 405 4.81 -34.18 -1.71
CA ASN A 405 3.52 -33.47 -1.62
C ASN A 405 2.34 -34.25 -2.19
N ASP A 406 2.61 -35.29 -3.01
CA ASP A 406 1.58 -36.17 -3.58
C ASP A 406 1.24 -37.35 -2.64
N GLY A 407 1.94 -37.41 -1.50
CA GLY A 407 1.74 -38.43 -0.47
C GLY A 407 2.70 -39.60 -0.52
N THR A 408 3.38 -39.79 -1.66
CA THR A 408 4.31 -40.89 -1.89
C THR A 408 5.58 -40.81 -1.03
N LEU A 409 6.00 -41.94 -0.46
CA LEU A 409 7.18 -42.07 0.40
C LEU A 409 8.41 -42.43 -0.44
N ASN A 410 9.36 -41.48 -0.54
CA ASN A 410 10.61 -41.64 -1.28
C ASN A 410 11.72 -42.11 -0.34
N PHE A 411 12.67 -42.91 -0.87
CA PHE A 411 13.78 -43.46 -0.10
C PHE A 411 15.18 -43.01 -0.50
N SER A 412 15.39 -42.65 -1.80
CA SER A 412 16.68 -42.26 -2.41
C SER A 412 17.64 -43.45 -2.54
N HIS A 413 17.93 -44.13 -1.42
CA HIS A 413 18.73 -45.36 -1.34
C HIS A 413 18.30 -46.18 -0.12
N VAL A 414 17.93 -47.45 -0.35
CA VAL A 414 17.47 -48.33 0.73
C VAL A 414 18.60 -49.06 1.44
N LEU A 415 18.44 -49.25 2.75
CA LEU A 415 19.38 -49.95 3.63
C LEU A 415 18.72 -51.24 4.13
N LEU A 416 19.55 -52.19 4.63
CA LEU A 416 19.13 -53.48 5.18
C LEU A 416 18.14 -53.29 6.35
N SER A 417 18.33 -52.22 7.15
CA SER A 417 17.50 -51.87 8.29
C SER A 417 16.06 -51.44 7.92
N ASP A 418 15.82 -51.08 6.63
CA ASP A 418 14.51 -50.66 6.13
C ASP A 418 13.68 -51.90 5.74
N THR A 419 13.24 -52.66 6.74
CA THR A 419 12.43 -53.88 6.56
C THR A 419 11.29 -53.88 7.55
N GLY A 420 10.08 -54.06 7.03
CA GLY A 420 8.87 -54.09 7.85
C GLY A 420 7.66 -53.47 7.18
N VAL A 421 6.71 -53.03 8.02
CA VAL A 421 5.44 -52.44 7.57
C VAL A 421 5.46 -50.90 7.63
N TYR A 422 5.16 -50.28 6.48
CA TYR A 422 5.06 -48.83 6.30
C TYR A 422 3.60 -48.51 6.05
N THR A 423 2.98 -47.77 6.99
CA THR A 423 1.55 -47.40 6.92
C THR A 423 1.33 -45.95 6.47
N CYS A 424 0.53 -45.76 5.41
CA CYS A 424 0.14 -44.44 4.93
C CYS A 424 -1.11 -44.05 5.72
N MET A 425 -0.99 -43.01 6.56
CA MET A 425 -2.09 -42.52 7.39
C MET A 425 -2.65 -41.22 6.81
N VAL A 426 -3.91 -41.26 6.36
CA VAL A 426 -4.62 -40.13 5.74
C VAL A 426 -5.79 -39.66 6.62
N THR A 427 -5.94 -38.33 6.80
CA THR A 427 -6.98 -37.70 7.62
C THR A 427 -7.69 -36.55 6.89
N ASN A 428 -9.01 -36.40 7.17
CA ASN A 428 -9.92 -35.37 6.65
C ASN A 428 -10.80 -34.90 7.80
N VAL A 429 -11.72 -33.97 7.51
CA VAL A 429 -12.71 -33.48 8.46
C VAL A 429 -13.81 -34.55 8.65
N ALA A 430 -14.06 -35.36 7.60
CA ALA A 430 -15.07 -36.41 7.56
C ALA A 430 -14.62 -37.72 8.21
N GLY A 431 -13.32 -37.94 8.29
CA GLY A 431 -12.73 -39.13 8.89
C GLY A 431 -11.28 -39.39 8.52
N ASN A 432 -10.84 -40.65 8.66
CA ASN A 432 -9.46 -41.07 8.38
C ASN A 432 -9.38 -42.42 7.65
N SER A 433 -8.25 -42.68 6.97
CA SER A 433 -7.99 -43.90 6.22
C SER A 433 -6.52 -44.31 6.32
N ASN A 434 -6.27 -45.63 6.42
CA ASN A 434 -4.92 -46.18 6.54
C ASN A 434 -4.70 -47.33 5.55
N ALA A 435 -3.47 -47.45 5.02
CA ALA A 435 -3.08 -48.50 4.08
C ALA A 435 -1.60 -48.84 4.25
N SER A 436 -1.30 -50.14 4.44
CA SER A 436 0.05 -50.66 4.69
C SER A 436 0.68 -51.41 3.50
N ALA A 437 2.01 -51.45 3.47
CA ALA A 437 2.83 -52.15 2.49
C ALA A 437 4.08 -52.70 3.17
N TYR A 438 4.55 -53.88 2.70
CA TYR A 438 5.75 -54.52 3.22
C TYR A 438 6.93 -54.23 2.30
N LEU A 439 8.00 -53.64 2.87
CA LEU A 439 9.23 -53.35 2.14
C LEU A 439 10.25 -54.40 2.54
N ASN A 440 10.72 -55.17 1.54
CA ASN A 440 11.70 -56.24 1.71
C ASN A 440 13.06 -55.80 1.16
N VAL A 441 14.08 -55.76 2.04
CA VAL A 441 15.48 -55.37 1.78
C VAL A 441 15.61 -53.99 1.13
N ASP B 18 -11.54 27.19 -30.55
CA ASP B 18 -12.76 26.93 -31.32
C ASP B 18 -13.70 28.13 -31.31
N TYR B 19 -13.96 28.71 -30.11
CA TYR B 19 -14.82 29.87 -29.90
C TYR B 19 -14.04 30.83 -28.98
N ASP B 20 -13.09 31.59 -29.58
CA ASP B 20 -12.20 32.49 -28.84
C ASP B 20 -12.44 33.98 -29.05
N ILE B 21 -12.75 34.39 -30.29
CA ILE B 21 -12.96 35.81 -30.59
C ILE B 21 -14.40 36.27 -30.37
N CYS B 22 -14.57 37.34 -29.56
CA CYS B 22 -15.87 37.92 -29.22
C CYS B 22 -16.28 38.96 -30.28
N LYS B 23 -15.37 39.92 -30.58
CA LYS B 23 -15.61 41.00 -31.53
C LYS B 23 -14.50 41.16 -32.57
N SER B 24 -14.86 41.56 -33.80
CA SER B 24 -13.95 41.78 -34.94
C SER B 24 -14.58 42.69 -36.00
N TRP B 25 -13.71 43.40 -36.79
CA TRP B 25 -14.05 44.32 -37.88
C TRP B 25 -15.07 45.42 -37.53
N TRP B 34 -19.40 47.05 -35.77
CA TRP B 34 -18.89 45.91 -35.03
C TRP B 34 -19.66 44.62 -35.34
N GLU B 35 -18.93 43.49 -35.41
CA GLU B 35 -19.49 42.15 -35.64
C GLU B 35 -19.15 41.29 -34.42
N PHE B 36 -20.17 40.63 -33.84
CA PHE B 36 -20.00 39.80 -32.65
C PHE B 36 -20.16 38.30 -32.90
N TYR B 37 -19.44 37.49 -32.10
CA TYR B 37 -19.43 36.01 -32.13
C TYR B 37 -19.41 35.46 -30.71
N ALA B 38 -19.87 34.19 -30.53
CA ALA B 38 -19.85 33.49 -29.25
C ALA B 38 -18.41 33.20 -28.83
N CYS B 39 -18.09 33.34 -27.54
CA CYS B 39 -16.72 33.16 -27.02
C CYS B 39 -16.62 32.49 -25.65
N GLN B 40 -15.52 31.76 -25.42
CA GLN B 40 -15.20 31.04 -24.18
C GLN B 40 -13.86 31.53 -23.59
N PRO B 41 -13.70 31.58 -22.25
CA PRO B 41 -12.38 31.94 -21.70
C PRO B 41 -11.40 30.77 -21.81
N LYS B 42 -10.08 31.07 -21.78
CA LYS B 42 -9.01 30.07 -21.88
C LYS B 42 -9.05 29.07 -20.72
N VAL B 43 -8.62 27.81 -21.00
CA VAL B 43 -8.58 26.74 -20.01
C VAL B 43 -7.53 27.08 -18.95
N MET B 44 -7.96 27.16 -17.68
CA MET B 44 -7.13 27.53 -16.55
C MET B 44 -6.82 26.33 -15.65
N ARG B 45 -5.79 26.47 -14.80
CA ARG B 45 -5.41 25.48 -13.79
C ARG B 45 -6.13 25.98 -12.54
N LEU B 46 -7.43 25.65 -12.44
CA LEU B 46 -8.36 26.07 -11.39
C LEU B 46 -7.88 26.05 -9.93
N LYS B 47 -6.86 25.24 -9.61
CA LYS B 47 -6.26 25.16 -8.27
C LYS B 47 -5.53 26.46 -7.85
N ASP B 48 -5.13 27.29 -8.84
CA ASP B 48 -4.45 28.58 -8.61
C ASP B 48 -5.38 29.63 -7.98
N TYR B 49 -6.72 29.51 -8.22
CA TYR B 49 -7.73 30.45 -7.74
C TYR B 49 -8.75 29.82 -6.75
N VAL B 50 -8.35 28.74 -6.06
CA VAL B 50 -9.25 28.03 -5.13
C VAL B 50 -9.13 28.45 -3.66
N LYS B 51 -10.28 28.44 -2.95
CA LYS B 51 -10.43 28.69 -1.51
C LYS B 51 -10.67 27.32 -0.87
N VAL B 52 -10.03 27.04 0.27
CA VAL B 52 -10.14 25.73 0.93
C VAL B 52 -10.85 25.74 2.30
N LYS B 53 -11.66 24.69 2.53
CA LYS B 53 -12.39 24.43 3.77
C LYS B 53 -12.08 23.00 4.21
N VAL B 54 -11.28 22.86 5.28
CA VAL B 54 -10.90 21.56 5.83
C VAL B 54 -11.60 21.32 7.19
N GLU B 55 -12.71 20.56 7.13
CA GLU B 55 -13.55 20.21 8.28
C GLU B 55 -13.32 18.73 8.70
N PRO B 56 -13.38 18.37 10.00
CA PRO B 56 -13.65 19.20 11.18
C PRO B 56 -12.41 19.96 11.64
N SER B 57 -12.58 20.87 12.62
CA SER B 57 -11.45 21.60 13.17
C SER B 57 -10.64 20.68 14.07
N GLY B 58 -9.34 20.60 13.79
CA GLY B 58 -8.41 19.74 14.51
C GLY B 58 -7.97 18.50 13.76
N ILE B 59 -8.49 18.31 12.52
CA ILE B 59 -8.16 17.16 11.69
C ILE B 59 -6.76 17.25 11.08
N THR B 60 -6.26 18.48 10.81
CA THR B 60 -4.94 18.75 10.27
C THR B 60 -3.88 18.52 11.36
N CYS B 61 -2.78 17.81 11.01
CA CYS B 61 -1.68 17.45 11.90
C CYS B 61 -0.88 18.67 12.39
N GLY B 62 -0.13 18.47 13.49
CA GLY B 62 0.74 19.50 14.03
C GLY B 62 0.47 19.97 15.45
N ASP B 63 -0.82 20.09 15.83
CA ASP B 63 -1.24 20.58 17.15
C ASP B 63 -2.08 19.53 17.91
N PRO B 64 -1.49 18.66 18.78
CA PRO B 64 -0.07 18.55 19.14
C PRO B 64 0.78 17.81 18.09
N PRO B 65 2.14 17.86 18.14
CA PRO B 65 2.95 17.15 17.12
C PRO B 65 2.79 15.64 17.10
N GLU B 66 2.78 15.04 15.89
CA GLU B 66 2.61 13.60 15.72
C GLU B 66 3.61 12.98 14.75
N ARG B 67 4.15 11.79 15.12
CA ARG B 67 5.09 11.02 14.30
C ARG B 67 4.30 9.97 13.50
N PHE B 68 4.51 9.93 12.17
CA PHE B 68 3.83 9.04 11.25
C PHE B 68 4.65 7.80 10.87
N CYS B 69 4.01 6.61 10.90
CA CYS B 69 4.65 5.34 10.54
C CYS B 69 4.17 4.81 9.18
N SER B 70 5.00 3.98 8.54
CA SER B 70 4.72 3.36 7.24
C SER B 70 3.91 2.06 7.38
N HIS B 71 3.13 1.72 6.33
CA HIS B 71 2.35 0.48 6.29
C HIS B 71 3.25 -0.68 5.90
N GLU B 72 4.28 -0.38 5.08
CA GLU B 72 5.27 -1.32 4.58
C GLU B 72 6.22 -1.77 5.69
N ASN B 73 6.55 -0.85 6.61
CA ASN B 73 7.38 -1.10 7.78
C ASN B 73 6.76 -0.33 8.95
N PRO B 74 6.13 -1.04 9.92
CA PRO B 74 5.48 -0.32 11.05
C PRO B 74 6.46 0.35 12.03
N TYR B 75 7.75 0.03 11.92
CA TYR B 75 8.80 0.60 12.78
C TYR B 75 9.48 1.81 12.13
N LEU B 76 9.26 1.99 10.80
CA LEU B 76 9.79 3.10 10.02
C LEU B 76 8.88 4.30 10.25
N CYS B 77 9.21 5.11 11.27
CA CYS B 77 8.45 6.29 11.63
C CYS B 77 9.38 7.52 11.51
N SER B 78 9.75 7.79 10.27
CA SER B 78 10.68 8.86 9.89
C SER B 78 10.07 10.26 9.83
N ASN B 79 8.82 10.38 9.33
CA ASN B 79 8.15 11.68 9.19
C ASN B 79 7.33 12.13 10.39
N GLU B 80 7.44 13.42 10.72
CA GLU B 80 6.74 14.08 11.81
C GLU B 80 6.01 15.33 11.30
N CYS B 81 4.89 15.68 11.95
CA CYS B 81 4.12 16.86 11.61
C CYS B 81 4.02 17.77 12.82
N ASP B 82 4.66 18.95 12.73
CA ASP B 82 4.68 19.98 13.77
C ASP B 82 4.25 21.31 13.15
N ALA B 83 3.10 21.85 13.57
CA ALA B 83 2.55 23.11 13.05
C ALA B 83 3.35 24.37 13.45
N SER B 84 4.14 24.27 14.55
CA SER B 84 4.99 25.35 15.04
C SER B 84 6.20 25.56 14.11
N ASN B 85 6.80 24.46 13.62
CA ASN B 85 7.96 24.47 12.72
C ASN B 85 7.50 24.56 11.25
N PRO B 86 8.01 25.53 10.45
CA PRO B 86 7.55 25.64 9.04
C PRO B 86 7.96 24.47 8.14
N ASP B 87 9.10 23.81 8.46
CA ASP B 87 9.64 22.68 7.71
C ASP B 87 8.86 21.38 7.95
N LEU B 88 8.24 21.24 9.15
CA LEU B 88 7.50 20.06 9.56
C LEU B 88 5.97 20.22 9.42
N ALA B 89 5.48 21.44 9.16
CA ALA B 89 4.05 21.74 9.01
C ALA B 89 3.47 21.21 7.70
N HIS B 90 2.17 20.86 7.71
CA HIS B 90 1.45 20.38 6.54
C HIS B 90 0.05 21.07 6.43
N PRO B 91 0.00 22.37 6.06
CA PRO B 91 -1.30 23.06 5.97
C PRO B 91 -2.13 22.70 4.73
N PRO B 92 -3.47 22.97 4.73
CA PRO B 92 -4.31 22.63 3.55
C PRO B 92 -3.89 23.24 2.21
N ARG B 93 -3.24 24.41 2.22
CA ARG B 93 -2.78 25.14 1.04
C ARG B 93 -1.82 24.33 0.14
N LEU B 94 -1.09 23.35 0.73
CA LEU B 94 -0.12 22.49 0.04
C LEU B 94 -0.73 21.53 -1.00
N MET B 95 -2.08 21.43 -1.03
CA MET B 95 -2.84 20.61 -1.99
C MET B 95 -3.00 21.30 -3.35
N PHE B 96 -2.67 22.62 -3.44
CA PHE B 96 -2.87 23.41 -4.66
C PHE B 96 -1.67 24.18 -5.20
N ASP B 97 -0.60 24.33 -4.40
CA ASP B 97 0.61 25.06 -4.79
C ASP B 97 1.37 24.44 -5.96
N LYS B 98 2.09 25.29 -6.72
CA LYS B 98 2.92 24.87 -7.87
C LYS B 98 4.14 24.12 -7.33
N GLU B 99 4.45 22.94 -7.89
CA GLU B 99 5.55 22.11 -7.41
C GLU B 99 6.73 21.96 -8.34
N GLU B 100 7.94 21.97 -7.76
CA GLU B 100 9.22 21.78 -8.46
C GLU B 100 9.48 20.27 -8.59
N GLU B 101 10.38 19.88 -9.51
CA GLU B 101 10.75 18.48 -9.79
C GLU B 101 11.07 17.65 -8.54
N GLY B 102 10.21 16.67 -8.27
CA GLY B 102 10.31 15.75 -7.14
C GLY B 102 10.12 16.33 -5.75
N LEU B 103 9.91 17.65 -5.64
CA LEU B 103 9.72 18.35 -4.36
C LEU B 103 8.24 18.53 -4.02
N ALA B 104 7.56 17.40 -3.76
CA ALA B 104 6.13 17.37 -3.44
C ALA B 104 5.82 17.90 -2.04
N THR B 105 4.80 18.79 -1.97
CA THR B 105 4.30 19.42 -0.74
C THR B 105 2.89 18.88 -0.52
N TYR B 106 2.59 18.41 0.70
CA TYR B 106 1.30 17.80 0.98
C TYR B 106 0.61 18.26 2.26
N TRP B 107 -0.74 18.23 2.27
CA TRP B 107 -1.54 18.47 3.48
C TRP B 107 -1.63 17.12 4.15
N GLN B 108 -1.47 17.06 5.47
CA GLN B 108 -1.55 15.79 6.19
C GLN B 108 -2.54 15.87 7.35
N SER B 109 -3.32 14.79 7.54
CA SER B 109 -4.29 14.69 8.61
C SER B 109 -3.62 14.08 9.85
N ILE B 110 -4.29 14.12 11.00
CA ILE B 110 -3.82 13.49 12.25
C ILE B 110 -3.84 11.95 12.11
N THR B 111 -3.11 11.22 12.98
CA THR B 111 -3.13 9.76 12.98
C THR B 111 -4.48 9.25 13.53
N TRP B 112 -4.83 7.99 13.24
CA TRP B 112 -6.07 7.38 13.71
C TRP B 112 -5.99 6.97 15.20
N SER B 113 -5.46 7.87 16.06
CA SER B 113 -5.33 7.67 17.50
C SER B 113 -6.67 7.52 18.20
N ARG B 114 -7.73 8.12 17.63
CA ARG B 114 -9.12 8.08 18.13
C ARG B 114 -9.88 6.80 17.76
N TYR B 115 -9.22 5.81 17.09
CA TYR B 115 -9.82 4.52 16.71
C TYR B 115 -10.38 3.78 17.96
N PRO B 116 -11.56 3.09 17.93
CA PRO B 116 -12.46 2.81 16.78
C PRO B 116 -13.25 3.95 16.14
N SER B 117 -13.25 5.17 16.72
CA SER B 117 -13.99 6.32 16.16
C SER B 117 -13.41 6.66 14.78
N PRO B 118 -14.25 6.75 13.72
CA PRO B 118 -13.73 6.98 12.36
C PRO B 118 -12.88 8.23 12.16
N LEU B 119 -11.90 8.12 11.26
CA LEU B 119 -11.02 9.21 10.86
C LEU B 119 -11.64 9.78 9.59
N GLU B 120 -12.42 10.86 9.75
CA GLU B 120 -13.14 11.50 8.66
C GLU B 120 -12.75 12.95 8.47
N ALA B 121 -12.64 13.37 7.19
CA ALA B 121 -12.27 14.72 6.81
C ALA B 121 -13.00 15.17 5.53
N ASN B 122 -13.47 16.43 5.51
CA ASN B 122 -14.15 17.03 4.37
C ASN B 122 -13.31 18.18 3.82
N ILE B 123 -12.80 18.01 2.58
CA ILE B 123 -12.00 19.01 1.87
C ILE B 123 -12.91 19.67 0.83
N THR B 124 -13.26 20.93 1.06
CA THR B 124 -14.15 21.70 0.18
C THR B 124 -13.35 22.69 -0.66
N LEU B 125 -13.56 22.62 -1.99
CA LEU B 125 -12.89 23.48 -2.96
C LEU B 125 -13.89 24.56 -3.40
N SER B 126 -13.73 25.77 -2.85
CA SER B 126 -14.60 26.91 -3.12
C SER B 126 -13.99 27.86 -4.14
N TRP B 127 -14.80 28.26 -5.13
CA TRP B 127 -14.37 29.17 -6.19
C TRP B 127 -15.18 30.47 -6.22
N ASN B 128 -16.45 30.43 -5.71
CA ASN B 128 -17.41 31.54 -5.68
C ASN B 128 -17.76 32.01 -7.12
N LYS B 129 -17.63 31.06 -8.09
CA LYS B 129 -17.84 31.28 -9.52
C LYS B 129 -18.15 29.94 -10.22
N THR B 130 -19.08 29.95 -11.19
CA THR B 130 -19.43 28.75 -11.96
C THR B 130 -18.31 28.42 -12.94
N VAL B 131 -17.69 27.25 -12.75
CA VAL B 131 -16.59 26.77 -13.58
C VAL B 131 -16.96 25.49 -14.31
N GLU B 132 -16.58 25.39 -15.59
CA GLU B 132 -16.85 24.25 -16.46
C GLU B 132 -15.59 23.36 -16.53
N LEU B 133 -15.73 22.05 -16.22
CA LEU B 133 -14.62 21.09 -16.26
C LEU B 133 -14.33 20.65 -17.69
N THR B 134 -13.03 20.65 -18.08
CA THR B 134 -12.58 20.24 -19.42
C THR B 134 -11.74 18.95 -19.37
N ASP B 135 -11.07 18.72 -18.22
CA ASP B 135 -10.22 17.55 -17.98
C ASP B 135 -10.53 16.87 -16.65
N ASP B 136 -9.93 15.68 -16.42
CA ASP B 136 -10.11 14.85 -15.23
C ASP B 136 -9.66 15.51 -13.92
N VAL B 137 -10.50 15.38 -12.87
CA VAL B 137 -10.19 15.87 -11.53
C VAL B 137 -9.26 14.81 -10.96
N VAL B 138 -7.95 15.11 -10.83
CA VAL B 138 -6.97 14.14 -10.35
C VAL B 138 -6.45 14.52 -8.97
N MET B 139 -6.70 13.65 -7.99
CA MET B 139 -6.26 13.83 -6.60
C MET B 139 -5.05 12.94 -6.37
N THR B 140 -3.93 13.54 -5.94
CA THR B 140 -2.66 12.83 -5.70
C THR B 140 -2.44 12.65 -4.21
N PHE B 141 -2.48 11.40 -3.76
CA PHE B 141 -2.30 11.04 -2.36
C PHE B 141 -0.88 10.57 -2.09
N GLU B 142 -0.38 10.88 -0.88
CA GLU B 142 0.96 10.48 -0.45
C GLU B 142 0.82 9.41 0.63
N TYR B 143 1.60 8.32 0.47
CA TYR B 143 1.64 7.18 1.39
C TYR B 143 0.32 6.40 1.58
N GLY B 144 -0.57 6.47 0.57
CA GLY B 144 -1.83 5.75 0.57
C GLY B 144 -3.10 6.54 0.27
N ARG B 145 -3.93 5.99 -0.64
CA ARG B 145 -5.22 6.53 -1.05
C ARG B 145 -6.27 6.05 -0.03
N PRO B 146 -7.42 6.74 0.12
CA PRO B 146 -8.40 6.27 1.11
C PRO B 146 -9.14 5.01 0.65
N THR B 147 -9.50 4.17 1.62
CA THR B 147 -10.26 2.93 1.46
C THR B 147 -11.71 3.30 1.09
N VAL B 148 -12.24 4.40 1.68
CA VAL B 148 -13.60 4.91 1.48
C VAL B 148 -13.56 6.46 1.30
N MET B 149 -14.13 6.97 0.19
CA MET B 149 -14.24 8.40 -0.10
C MET B 149 -15.35 8.74 -1.11
N VAL B 150 -15.81 10.00 -1.11
CA VAL B 150 -16.86 10.50 -2.00
C VAL B 150 -16.42 11.84 -2.62
N LEU B 151 -16.74 12.05 -3.92
CA LEU B 151 -16.49 13.30 -4.61
C LEU B 151 -17.86 13.93 -4.93
N GLU B 152 -18.13 15.12 -4.39
CA GLU B 152 -19.41 15.84 -4.55
C GLU B 152 -19.21 17.21 -5.21
N LYS B 153 -20.30 17.75 -5.80
CA LYS B 153 -20.31 19.08 -6.42
C LYS B 153 -21.52 19.92 -6.01
N SER B 154 -21.33 21.25 -5.94
CA SER B 154 -22.37 22.23 -5.63
C SER B 154 -22.42 23.29 -6.71
N LEU B 155 -23.64 23.66 -7.15
CA LEU B 155 -23.88 24.70 -8.16
C LEU B 155 -24.36 26.00 -7.52
N ASP B 156 -24.66 25.97 -6.20
CA ASP B 156 -25.17 27.11 -5.45
C ASP B 156 -24.32 27.46 -4.20
N ASN B 157 -23.00 27.63 -4.42
CA ASN B 157 -21.99 28.02 -3.42
C ASN B 157 -21.93 27.20 -2.11
N GLY B 158 -22.57 26.03 -2.09
CA GLY B 158 -22.58 25.14 -0.92
C GLY B 158 -23.92 24.93 -0.27
N ARG B 159 -25.02 25.39 -0.91
CA ARG B 159 -26.37 25.22 -0.38
C ARG B 159 -26.83 23.77 -0.57
N THR B 160 -26.93 23.30 -1.83
CA THR B 160 -27.30 21.92 -2.16
C THR B 160 -26.07 21.16 -2.70
N TRP B 161 -26.00 19.86 -2.42
CA TRP B 161 -24.88 19.00 -2.86
C TRP B 161 -25.34 17.73 -3.56
N GLN B 162 -24.65 17.38 -4.65
CA GLN B 162 -24.92 16.16 -5.41
C GLN B 162 -23.64 15.35 -5.67
N PRO B 163 -23.67 14.00 -5.58
CA PRO B 163 -22.43 13.24 -5.78
C PRO B 163 -22.01 13.09 -7.24
N TYR B 164 -20.70 13.08 -7.48
CA TYR B 164 -20.09 12.89 -8.79
C TYR B 164 -19.75 11.40 -8.99
N GLN B 165 -19.01 10.80 -8.02
CA GLN B 165 -18.57 9.41 -8.04
C GLN B 165 -18.22 8.93 -6.61
N PHE B 166 -18.53 7.67 -6.31
CA PHE B 166 -18.22 7.03 -5.03
C PHE B 166 -16.97 6.16 -5.16
N TYR B 167 -16.06 6.25 -4.19
CA TYR B 167 -14.80 5.49 -4.18
C TYR B 167 -14.68 4.64 -2.94
N ALA B 168 -14.58 3.31 -3.12
CA ALA B 168 -14.46 2.37 -2.03
C ALA B 168 -13.62 1.15 -2.42
N GLU B 169 -12.92 0.53 -1.45
CA GLU B 169 -12.15 -0.71 -1.69
C GLU B 169 -13.19 -1.81 -1.96
N ASP B 170 -14.26 -1.84 -1.13
CA ASP B 170 -15.42 -2.72 -1.25
C ASP B 170 -16.65 -1.80 -1.35
N CYS B 171 -17.16 -1.61 -2.59
CA CYS B 171 -18.30 -0.75 -2.90
C CYS B 171 -19.59 -1.16 -2.19
N MET B 172 -19.83 -2.48 -2.06
CA MET B 172 -21.01 -3.03 -1.39
C MET B 172 -20.96 -2.86 0.13
N GLU B 173 -19.77 -3.02 0.73
CA GLU B 173 -19.59 -2.87 2.18
C GLU B 173 -19.69 -1.40 2.63
N ALA B 174 -19.10 -0.47 1.86
CA ALA B 174 -19.10 0.95 2.21
C ALA B 174 -20.41 1.69 1.91
N PHE B 175 -20.97 1.54 0.69
CA PHE B 175 -22.17 2.27 0.29
C PHE B 175 -23.38 1.42 -0.10
N GLY B 176 -23.19 0.10 -0.23
CA GLY B 176 -24.26 -0.80 -0.65
C GLY B 176 -24.57 -0.66 -2.13
N MET B 177 -23.57 -0.22 -2.91
CA MET B 177 -23.64 -0.01 -4.35
C MET B 177 -22.81 -1.05 -5.06
N SER B 178 -23.25 -1.43 -6.28
CA SER B 178 -22.54 -2.40 -7.12
C SER B 178 -21.30 -1.71 -7.72
N ALA B 179 -20.14 -2.38 -7.68
CA ALA B 179 -18.89 -1.86 -8.23
C ALA B 179 -18.99 -1.80 -9.74
N ARG B 180 -18.92 -0.58 -10.29
CA ARG B 180 -19.01 -0.32 -11.73
C ARG B 180 -17.86 0.57 -12.18
N ARG B 181 -17.44 0.41 -13.45
CA ARG B 181 -16.36 1.21 -14.03
C ARG B 181 -16.98 2.25 -14.97
N ALA B 182 -16.41 3.47 -14.96
CA ALA B 182 -16.83 4.59 -15.83
C ALA B 182 -16.54 4.28 -17.31
N ARG B 183 -15.55 3.37 -17.55
CA ARG B 183 -15.12 2.87 -18.85
C ARG B 183 -16.24 2.06 -19.52
N ASP B 184 -17.00 1.29 -18.72
CA ASP B 184 -18.12 0.47 -19.18
C ASP B 184 -19.43 1.19 -18.88
N MET B 185 -19.73 2.22 -19.67
CA MET B 185 -20.92 3.05 -19.49
C MET B 185 -21.64 3.43 -20.81
N SER B 186 -22.98 3.61 -20.72
CA SER B 186 -23.85 3.98 -21.84
C SER B 186 -24.31 5.45 -21.73
N SER B 187 -25.14 5.92 -22.68
CA SER B 187 -25.66 7.29 -22.73
C SER B 187 -26.80 7.47 -21.72
N ARG B 192 -24.94 9.19 -14.97
CA ARG B 192 -25.26 8.22 -13.93
C ARG B 192 -24.20 8.16 -12.82
N VAL B 193 -24.65 8.18 -11.55
CA VAL B 193 -23.78 8.12 -10.37
C VAL B 193 -23.43 6.66 -10.08
N LEU B 194 -22.12 6.35 -10.09
CA LEU B 194 -21.63 5.00 -9.85
C LEU B 194 -20.51 4.94 -8.81
N CYS B 195 -20.30 3.74 -8.22
CA CYS B 195 -19.26 3.45 -7.25
C CYS B 195 -18.12 2.69 -7.96
N THR B 196 -16.89 3.18 -7.83
CA THR B 196 -15.72 2.55 -8.44
C THR B 196 -14.74 2.06 -7.38
N GLU B 197 -14.11 0.89 -7.64
CA GLU B 197 -13.13 0.25 -6.76
C GLU B 197 -11.70 0.42 -7.29
N GLU B 198 -11.57 0.98 -8.52
CA GLU B 198 -10.32 1.16 -9.25
C GLU B 198 -9.30 2.17 -8.69
N TYR B 199 -9.68 2.96 -7.67
CA TYR B 199 -8.79 3.99 -7.08
C TYR B 199 -8.70 3.88 -5.53
N SER B 200 -8.83 2.68 -4.97
CA SER B 200 -8.83 2.49 -3.51
C SER B 200 -7.92 1.40 -2.94
N ARG B 201 -7.50 0.42 -3.77
CA ARG B 201 -6.63 -0.70 -3.37
C ARG B 201 -5.25 -0.24 -2.88
N TRP B 202 -4.64 -1.05 -1.98
CA TRP B 202 -3.30 -0.79 -1.47
C TRP B 202 -2.26 -1.43 -2.40
N ALA B 203 -1.34 -0.60 -2.92
CA ALA B 203 -0.27 -1.03 -3.82
C ALA B 203 1.09 -0.42 -3.43
N GLY B 204 1.20 0.01 -2.18
CA GLY B 204 2.41 0.61 -1.63
C GLY B 204 2.35 2.12 -1.57
N SER B 205 3.46 2.75 -1.14
CA SER B 205 3.58 4.21 -1.03
C SER B 205 4.19 4.88 -2.26
N LYS B 206 4.86 4.09 -3.13
CA LYS B 206 5.49 4.57 -4.36
C LYS B 206 4.60 4.38 -5.60
N LYS B 207 3.71 3.37 -5.56
CA LYS B 207 2.80 3.04 -6.67
C LYS B 207 1.36 3.44 -6.38
N GLU B 208 0.55 3.61 -7.45
CA GLU B 208 -0.89 3.94 -7.45
C GLU B 208 -1.29 5.04 -6.45
N LYS B 209 -0.85 6.29 -6.72
CA LYS B 209 -1.09 7.47 -5.88
C LYS B 209 -2.34 8.30 -6.27
N HIS B 210 -3.03 7.95 -7.37
CA HIS B 210 -4.15 8.74 -7.87
C HIS B 210 -5.57 8.20 -7.74
N VAL B 211 -6.49 9.13 -7.44
CA VAL B 211 -7.93 8.97 -7.38
C VAL B 211 -8.40 9.98 -8.44
N ARG B 212 -9.10 9.52 -9.49
CA ARG B 212 -9.51 10.43 -10.54
C ARG B 212 -10.98 10.36 -10.93
N PHE B 213 -11.53 11.50 -11.40
CA PHE B 213 -12.89 11.59 -11.89
C PHE B 213 -12.80 11.74 -13.41
N GLU B 214 -13.21 10.68 -14.11
CA GLU B 214 -13.14 10.56 -15.57
C GLU B 214 -14.09 11.52 -16.31
N VAL B 215 -13.64 12.76 -16.53
CA VAL B 215 -14.40 13.80 -17.23
C VAL B 215 -14.44 13.54 -18.75
N ARG B 216 -13.26 13.33 -19.36
CA ARG B 216 -13.11 13.11 -20.80
C ARG B 216 -13.86 11.86 -21.31
N ASP B 217 -13.84 10.77 -20.53
CA ASP B 217 -14.53 9.53 -20.90
C ASP B 217 -16.05 9.67 -20.81
N ARG B 218 -16.56 10.42 -19.80
CA ARG B 218 -17.99 10.67 -19.60
C ARG B 218 -18.54 11.54 -20.73
N PHE B 219 -17.76 12.55 -21.18
CA PHE B 219 -18.14 13.44 -22.28
C PHE B 219 -18.15 12.68 -23.61
N ALA B 220 -17.16 11.78 -23.82
CA ALA B 220 -17.01 10.95 -25.03
C ALA B 220 -18.28 10.19 -25.43
N ILE B 221 -19.23 10.00 -24.49
CA ILE B 221 -20.51 9.33 -24.73
C ILE B 221 -21.61 10.38 -24.98
N LEU B 237 -22.78 20.58 -32.74
CA LEU B 237 -22.59 20.49 -31.29
C LEU B 237 -23.86 20.01 -30.59
N GLU B 238 -23.69 19.29 -29.45
CA GLU B 238 -24.79 18.75 -28.66
C GLU B 238 -25.58 19.85 -27.95
N SER B 239 -26.92 19.84 -28.14
CA SER B 239 -27.86 20.80 -27.55
C SER B 239 -28.55 20.25 -26.28
N ALA B 240 -27.98 19.18 -25.68
CA ALA B 240 -28.49 18.56 -24.46
C ALA B 240 -28.32 19.49 -23.27
N LYS B 241 -29.42 19.70 -22.51
CA LYS B 241 -29.47 20.59 -21.35
C LYS B 241 -28.58 20.15 -20.18
N GLY B 242 -28.73 18.89 -19.76
CA GLY B 242 -27.98 18.32 -18.65
C GLY B 242 -26.50 18.08 -18.89
N LEU B 243 -26.09 17.97 -20.17
CA LEU B 243 -24.71 17.71 -20.60
C LEU B 243 -23.68 18.71 -20.08
N LYS B 244 -23.80 19.99 -20.50
CA LYS B 244 -22.90 21.08 -20.08
C LYS B 244 -23.05 21.38 -18.59
N GLU B 245 -24.29 21.26 -18.06
CA GLU B 245 -24.64 21.49 -16.66
C GLU B 245 -23.98 20.47 -15.72
N PHE B 246 -23.74 19.24 -16.22
CA PHE B 246 -23.11 18.16 -15.46
C PHE B 246 -21.69 18.49 -15.04
N PHE B 247 -20.89 19.07 -15.98
CA PHE B 247 -19.50 19.45 -15.72
C PHE B 247 -19.34 20.86 -15.13
N THR B 248 -20.47 21.57 -14.91
CA THR B 248 -20.50 22.93 -14.33
C THR B 248 -20.68 22.84 -12.81
N LEU B 249 -19.95 23.67 -12.06
CA LEU B 249 -19.99 23.72 -10.59
C LEU B 249 -19.39 25.01 -10.02
N THR B 250 -19.72 25.33 -8.76
CA THR B 250 -19.15 26.47 -8.04
C THR B 250 -18.17 25.91 -7.01
N ASP B 251 -18.48 24.72 -6.48
CA ASP B 251 -17.70 24.01 -5.47
C ASP B 251 -17.53 22.52 -5.73
N LEU B 252 -16.46 21.94 -5.15
CA LEU B 252 -16.13 20.52 -5.16
C LEU B 252 -15.83 20.09 -3.72
N ARG B 253 -16.25 18.88 -3.33
CA ARG B 253 -16.00 18.40 -1.97
C ARG B 253 -15.58 16.94 -1.94
N MET B 254 -14.54 16.64 -1.15
CA MET B 254 -14.03 15.29 -0.97
C MET B 254 -14.38 14.83 0.43
N ARG B 255 -15.31 13.87 0.52
CA ARG B 255 -15.72 13.27 1.78
C ARG B 255 -14.82 12.06 2.06
N LEU B 256 -13.65 12.31 2.69
CA LEU B 256 -12.69 11.26 3.06
C LEU B 256 -13.24 10.56 4.29
N LEU B 257 -13.68 9.30 4.13
CA LEU B 257 -14.34 8.52 5.18
C LEU B 257 -13.48 7.48 5.91
N ARG B 258 -12.63 6.75 5.17
CA ARG B 258 -11.74 5.75 5.78
C ARG B 258 -10.37 5.84 5.11
N PRO B 259 -9.26 5.90 5.88
CA PRO B 259 -7.93 6.01 5.24
C PRO B 259 -7.38 4.70 4.70
N ALA B 260 -6.14 4.74 4.13
CA ALA B 260 -5.42 3.57 3.62
C ALA B 260 -5.20 2.62 4.81
N LEU B 261 -5.40 1.31 4.59
CA LEU B 261 -5.29 0.31 5.64
C LEU B 261 -4.05 -0.61 5.51
N GLY B 262 -3.30 -0.43 4.43
CA GLY B 262 -2.09 -1.19 4.14
C GLY B 262 -2.31 -2.61 3.64
N GLY B 263 -3.51 -2.85 3.10
CA GLY B 263 -3.90 -4.14 2.53
C GLY B 263 -4.79 -4.99 3.41
N THR B 264 -4.73 -4.80 4.74
CA THR B 264 -5.52 -5.60 5.70
C THR B 264 -6.36 -4.76 6.66
N TYR B 265 -6.95 -5.41 7.68
CA TYR B 265 -7.75 -4.77 8.72
C TYR B 265 -6.84 -3.93 9.66
N VAL B 266 -7.46 -3.04 10.46
CA VAL B 266 -6.74 -2.15 11.37
C VAL B 266 -6.11 -2.93 12.52
N GLN B 267 -4.80 -2.69 12.73
CA GLN B 267 -3.99 -3.28 13.79
C GLN B 267 -3.87 -2.21 14.90
N ARG B 268 -4.56 -2.43 16.04
CA ARG B 268 -4.60 -1.52 17.19
C ARG B 268 -3.22 -1.22 17.84
N GLU B 269 -2.21 -2.09 17.60
CA GLU B 269 -0.84 -1.96 18.14
C GLU B 269 -0.11 -0.70 17.64
N ASN B 270 -0.44 -0.23 16.42
CA ASN B 270 0.16 0.96 15.84
C ASN B 270 -0.84 1.70 14.96
N LEU B 271 -1.48 2.74 15.54
CA LEU B 271 -2.46 3.58 14.86
C LEU B 271 -1.82 4.76 14.15
N TYR B 272 -0.49 4.96 14.35
CA TYR B 272 0.29 6.03 13.73
C TYR B 272 0.55 5.81 12.23
N LYS B 273 0.13 4.63 11.72
CA LYS B 273 0.22 4.21 10.33
C LYS B 273 -0.93 4.78 9.49
N TYR B 274 -2.09 5.02 10.13
CA TYR B 274 -3.33 5.45 9.50
C TYR B 274 -3.56 6.96 9.55
N PHE B 275 -3.61 7.58 8.35
CA PHE B 275 -3.77 9.01 8.13
C PHE B 275 -4.12 9.28 6.66
N TYR B 276 -4.28 10.57 6.32
CA TYR B 276 -4.52 11.10 4.98
C TYR B 276 -3.39 12.07 4.66
N ALA B 277 -2.97 12.14 3.39
CA ALA B 277 -1.94 13.05 2.91
C ALA B 277 -2.16 13.30 1.44
N ILE B 278 -2.45 14.57 1.06
CA ILE B 278 -2.74 14.95 -0.32
C ILE B 278 -1.73 15.98 -0.80
N SER B 279 -0.91 15.61 -1.80
CA SER B 279 0.10 16.49 -2.39
C SER B 279 -0.47 17.43 -3.44
N ASN B 280 -1.49 16.98 -4.17
CA ASN B 280 -2.09 17.80 -5.23
C ASN B 280 -3.51 17.39 -5.59
N ILE B 281 -4.35 18.40 -5.89
CA ILE B 281 -5.70 18.25 -6.40
C ILE B 281 -5.72 19.08 -7.68
N GLU B 282 -5.58 18.41 -8.83
CA GLU B 282 -5.57 19.09 -10.12
C GLU B 282 -6.97 19.19 -10.68
N VAL B 283 -7.47 20.44 -10.76
CA VAL B 283 -8.79 20.77 -11.31
C VAL B 283 -8.51 21.60 -12.56
N ILE B 284 -8.94 21.09 -13.72
CA ILE B 284 -8.71 21.73 -15.02
C ILE B 284 -10.03 22.07 -15.70
N GLY B 285 -10.19 23.35 -16.04
CA GLY B 285 -11.39 23.83 -16.72
C GLY B 285 -11.38 25.31 -17.06
N ARG B 286 -12.57 25.84 -17.39
CA ARG B 286 -12.78 27.24 -17.75
C ARG B 286 -13.99 27.87 -17.04
N CYS B 287 -14.13 29.20 -17.13
CA CYS B 287 -15.24 29.95 -16.54
C CYS B 287 -16.50 29.80 -17.37
N LYS B 288 -17.66 29.74 -16.69
CA LYS B 288 -18.96 29.71 -17.36
C LYS B 288 -19.34 31.17 -17.57
N CYS B 289 -19.26 31.65 -18.83
CA CYS B 289 -19.58 33.03 -19.19
C CYS B 289 -20.79 33.11 -20.14
N ASN B 290 -21.52 31.97 -20.30
CA ASN B 290 -22.71 31.81 -21.17
C ASN B 290 -22.47 32.21 -22.64
N LEU B 291 -21.22 32.02 -23.11
CA LEU B 291 -20.73 32.35 -24.46
C LEU B 291 -20.79 33.86 -24.76
N HIS B 292 -20.41 34.68 -23.75
CA HIS B 292 -20.39 36.15 -23.79
C HIS B 292 -19.03 36.78 -23.39
N ALA B 293 -18.01 35.96 -23.06
CA ALA B 293 -16.67 36.43 -22.66
C ALA B 293 -15.54 35.47 -23.02
N ASN B 294 -14.32 36.01 -23.26
CA ASN B 294 -13.12 35.24 -23.56
C ASN B 294 -12.01 35.43 -22.53
N LEU B 295 -12.29 36.22 -21.47
CA LEU B 295 -11.35 36.47 -20.38
C LEU B 295 -12.06 36.35 -19.04
N CYS B 296 -11.40 35.69 -18.09
CA CYS B 296 -11.90 35.46 -16.73
C CYS B 296 -10.74 35.78 -15.80
N SER B 297 -10.93 36.77 -14.93
CA SER B 297 -9.87 37.22 -14.02
C SER B 297 -10.33 37.43 -12.58
N MET B 298 -9.37 37.57 -11.65
CA MET B 298 -9.62 37.78 -10.22
C MET B 298 -10.08 39.22 -9.97
N ARG B 299 -11.34 39.37 -9.56
CA ARG B 299 -11.98 40.65 -9.25
C ARG B 299 -12.73 40.54 -7.93
N GLU B 300 -12.35 41.39 -6.95
CA GLU B 300 -12.93 41.45 -5.59
C GLU B 300 -12.79 40.13 -4.79
N GLY B 301 -11.64 39.49 -4.93
CA GLY B 301 -11.31 38.26 -4.21
C GLY B 301 -11.55 36.95 -4.93
N SER B 302 -12.46 36.94 -5.92
CA SER B 302 -12.81 35.73 -6.69
C SER B 302 -12.78 35.95 -8.20
N LEU B 303 -12.94 34.87 -8.98
CA LEU B 303 -12.95 34.93 -10.44
C LEU B 303 -14.24 35.51 -10.96
N GLN B 304 -14.15 36.31 -12.03
CA GLN B 304 -15.28 36.95 -12.69
C GLN B 304 -15.03 37.08 -14.18
N CYS B 305 -16.08 36.86 -15.00
CA CYS B 305 -16.01 36.98 -16.46
C CYS B 305 -15.81 38.43 -16.87
N GLU B 306 -14.95 38.67 -17.88
CA GLU B 306 -14.74 40.00 -18.44
C GLU B 306 -15.76 40.10 -19.58
N CYS B 307 -17.03 40.35 -19.18
CA CYS B 307 -18.22 40.39 -20.01
C CYS B 307 -18.20 41.31 -21.23
N GLU B 308 -18.55 40.73 -22.38
CA GLU B 308 -18.71 41.40 -23.67
C GLU B 308 -20.18 41.21 -24.08
N HIS B 309 -20.58 41.61 -25.31
CA HIS B 309 -21.95 41.49 -25.85
C HIS B 309 -23.01 42.29 -25.04
N ASN B 310 -22.56 43.38 -24.36
CA ASN B 310 -23.36 44.28 -23.52
C ASN B 310 -24.05 43.55 -22.34
N THR B 311 -23.36 42.52 -21.79
CA THR B 311 -23.85 41.73 -20.65
C THR B 311 -23.12 42.07 -19.35
N THR B 312 -23.72 41.70 -18.20
CA THR B 312 -23.16 41.93 -16.87
C THR B 312 -23.40 40.74 -15.94
N GLY B 313 -22.74 40.76 -14.78
CA GLY B 313 -22.85 39.71 -13.78
C GLY B 313 -21.59 38.87 -13.70
N PRO B 314 -21.53 37.90 -12.75
CA PRO B 314 -20.30 37.07 -12.65
C PRO B 314 -20.15 36.13 -13.83
N ASP B 315 -21.26 35.56 -14.32
CA ASP B 315 -21.29 34.61 -15.44
C ASP B 315 -21.89 35.22 -16.72
N CYS B 316 -21.99 36.58 -16.80
CA CYS B 316 -22.59 37.35 -17.91
C CYS B 316 -24.06 36.91 -18.16
N GLY B 317 -24.75 36.54 -17.09
CA GLY B 317 -26.12 36.04 -17.13
C GLY B 317 -27.24 37.06 -17.17
N LYS B 318 -26.90 38.35 -17.21
CA LYS B 318 -27.88 39.45 -17.24
C LYS B 318 -27.45 40.55 -18.22
N CYS B 319 -28.43 41.32 -18.73
CA CYS B 319 -28.16 42.46 -19.63
C CYS B 319 -27.67 43.64 -18.80
N LYS B 320 -26.71 44.38 -19.34
CA LYS B 320 -26.14 45.56 -18.70
C LYS B 320 -27.17 46.66 -18.68
N LYS B 321 -26.97 47.65 -17.81
CA LYS B 321 -28.01 48.55 -17.38
C LYS B 321 -28.66 49.36 -18.50
N ASN B 322 -27.86 49.80 -19.46
CA ASN B 322 -28.41 50.59 -20.56
C ASN B 322 -28.78 49.79 -21.81
N PHE B 323 -28.66 48.47 -21.72
CA PHE B 323 -28.88 47.58 -22.86
C PHE B 323 -29.99 46.55 -22.67
N ARG B 324 -31.05 46.95 -21.96
CA ARG B 324 -32.12 46.04 -21.53
C ARG B 324 -33.40 46.05 -22.40
N THR B 325 -33.31 46.47 -23.69
CA THR B 325 -34.49 46.50 -24.60
C THR B 325 -35.00 45.09 -24.89
N ARG B 326 -34.08 44.13 -25.03
CA ARG B 326 -34.39 42.72 -25.27
C ARG B 326 -33.93 41.93 -24.04
N SER B 327 -34.69 40.88 -23.67
CA SER B 327 -34.37 40.00 -22.53
C SER B 327 -33.08 39.22 -22.80
N TRP B 328 -32.31 38.93 -21.73
CA TRP B 328 -31.04 38.20 -21.82
C TRP B 328 -31.18 36.82 -22.46
N ARG B 329 -30.28 36.54 -23.42
CA ARG B 329 -30.18 35.28 -24.13
C ARG B 329 -28.73 34.80 -24.06
N ALA B 330 -28.52 33.51 -23.79
CA ALA B 330 -27.18 32.93 -23.74
C ALA B 330 -26.73 32.65 -25.17
N GLY B 331 -25.45 32.91 -25.45
CA GLY B 331 -24.83 32.67 -26.75
C GLY B 331 -24.86 31.19 -27.11
N SER B 332 -24.93 30.89 -28.42
CA SER B 332 -25.00 29.51 -28.91
C SER B 332 -23.89 29.18 -29.91
N TYR B 333 -23.47 27.90 -29.92
CA TYR B 333 -22.43 27.38 -30.83
C TYR B 333 -22.94 27.31 -32.27
N LEU B 334 -24.27 27.11 -32.44
CA LEU B 334 -24.93 27.00 -33.74
C LEU B 334 -25.32 28.38 -34.30
N PRO B 335 -25.01 28.68 -35.59
CA PRO B 335 -24.32 27.85 -36.59
C PRO B 335 -22.79 27.94 -36.53
N LEU B 336 -22.11 26.82 -36.86
CA LEU B 336 -20.65 26.72 -36.89
C LEU B 336 -20.06 27.54 -38.06
N PRO B 337 -18.82 28.11 -37.96
CA PRO B 337 -17.82 28.00 -36.88
C PRO B 337 -17.82 29.10 -35.82
N HIS B 338 -18.44 30.27 -36.11
CA HIS B 338 -18.46 31.42 -35.22
C HIS B 338 -19.53 31.37 -34.12
N GLY B 339 -20.72 30.88 -34.47
CA GLY B 339 -21.86 30.79 -33.55
C GLY B 339 -22.65 32.07 -33.44
N SER B 340 -23.86 31.98 -32.85
CA SER B 340 -24.73 33.15 -32.66
C SER B 340 -24.37 33.91 -31.36
N PRO B 341 -24.02 35.22 -31.46
CA PRO B 341 -23.61 35.97 -30.27
C PRO B 341 -24.70 36.20 -29.22
N ASN B 342 -25.97 36.43 -29.65
CA ASN B 342 -27.15 36.70 -28.82
C ASN B 342 -26.91 37.84 -27.79
N ALA B 343 -26.32 38.96 -28.29
CA ALA B 343 -25.97 40.15 -27.51
C ALA B 343 -27.16 40.96 -27.02
N CYS B 344 -26.99 41.66 -25.89
CA CYS B 344 -28.00 42.55 -25.31
C CYS B 344 -27.95 43.87 -26.10
N ALA B 345 -29.12 44.51 -26.29
CA ALA B 345 -29.20 45.75 -27.07
C ALA B 345 -29.90 46.92 -26.36
N GLY B 346 -29.51 48.14 -26.74
CA GLY B 346 -30.07 49.39 -26.23
C GLY B 346 -31.06 49.99 -27.22
N THR B 347 -31.61 51.18 -26.88
CA THR B 347 -32.60 51.89 -27.71
C THR B 347 -32.00 52.39 -29.03
C1 NAG C . 7.99 -60.03 -3.42
C2 NAG C . 7.02 -60.42 -4.55
C3 NAG C . 6.04 -61.45 -3.98
C4 NAG C . 6.84 -62.64 -3.49
C5 NAG C . 7.81 -62.16 -2.40
C6 NAG C . 8.62 -63.36 -1.90
C7 NAG C . 6.74 -58.50 -6.05
C8 NAG C . 5.97 -57.29 -6.51
N2 NAG C . 6.29 -59.23 -5.01
O3 NAG C . 5.13 -61.87 -5.00
O4 NAG C . 5.95 -63.62 -2.95
O5 NAG C . 8.71 -61.18 -2.95
O6 NAG C . 9.54 -62.94 -0.88
O7 NAG C . 7.77 -58.81 -6.63
P PO4 D . -13.00 -10.73 -0.29
O1 PO4 D . -12.40 -11.13 -1.71
O2 PO4 D . -11.95 -11.07 0.83
O3 PO4 D . -13.33 -9.19 -0.30
O4 PO4 D . -14.31 -11.51 -0.03
P PO4 E . -27.58 -23.60 3.47
O1 PO4 E . -28.23 -24.93 2.90
O2 PO4 E . -27.69 -23.64 5.04
O3 PO4 E . -26.06 -23.59 3.06
O4 PO4 E . -28.37 -22.36 2.85
C1 NAG F . -19.03 16.12 5.75
C2 NAG F . -19.24 16.25 7.27
C3 NAG F . -20.59 15.64 7.65
C4 NAG F . -21.67 16.38 6.87
C5 NAG F . -21.37 16.21 5.36
C6 NAG F . -22.47 16.93 4.58
C7 NAG F . -17.14 16.22 8.55
C8 NAG F . -16.08 15.45 9.29
N2 NAG F . -18.18 15.55 8.00
O3 NAG F . -20.82 15.77 9.05
O4 NAG F . -22.95 15.83 7.18
O5 NAG F . -20.09 16.79 5.04
O6 NAG F . -22.23 16.76 3.19
O7 NAG F . -17.07 17.42 8.45
CA CA G . 1.41 20.37 -3.38
#